data_1R5V
#
_entry.id   1R5V
#
_cell.length_a   79.420
_cell.length_b   104.650
_cell.length_c   120.510
_cell.angle_alpha   90.00
_cell.angle_beta   90.00
_cell.angle_gamma   90.00
#
_symmetry.space_group_name_H-M   'P 21 21 21'
#
loop_
_entity.id
_entity.type
_entity.pdbx_description
1 polymer 'H-2 class II histocompatibility antigen, E-K alpha chain'
2 polymer 'artificial peptide'
3 polymer 'MHC H2-IE-beta'
4 water water
#
loop_
_entity_poly.entity_id
_entity_poly.type
_entity_poly.pdbx_seq_one_letter_code
_entity_poly.pdbx_strand_id
1 'polypeptide(L)'
;EEHTIIQAEFYLLPDKRGEFMFDFDGDEIFHVDIEKSETIWRLEEFAKFASFEAQGALANIAVDKANLDVMKERSNNTPD
ANVAPEVTVLSRSPVNLGEPNILICFIDKFSPPVVNVTWLRNGRPVTEGVSETVFLPRDDHLFRKFHYLTFLPSTDDFYD
CEVDHWGLEEPLRKHWEFEE
;
A,C
2 'polypeptide(L)' ADLIAYPKAATKF E,F
3 'polypeptide(L)'
;APWFLEYSKSECHFYNGTQRVRLLVRYFYNLEENLRFDSDVGEFRAVTELGRPDAENWNSQPEFLEQKRAEVDTVCRHNY
EIFDNFLVPRRVEPTVTVYPTKTQPLEHHNLLVCSVSDFYPGNIEVRWFRNGKEEKTGIVSTGLVRNGDWTFQTLVMLET
VPQSGEVYTCQVEHPSLTDPVTVEW
;
B,D
#
# COMPACT_ATOMS: atom_id res chain seq x y z
N GLU A 1 10.40 20.62 3.20
CA GLU A 1 11.17 19.73 2.28
C GLU A 1 11.42 18.35 2.90
N GLU A 2 10.89 17.31 2.28
CA GLU A 2 11.12 15.94 2.74
C GLU A 2 12.16 15.36 1.79
N HIS A 3 13.24 14.82 2.34
CA HIS A 3 14.29 14.25 1.52
C HIS A 3 14.95 13.12 2.27
N THR A 4 15.72 12.33 1.56
CA THR A 4 16.40 11.19 2.17
C THR A 4 17.73 10.92 1.48
N ILE A 5 18.80 10.84 2.25
CA ILE A 5 20.10 10.53 1.72
C ILE A 5 20.48 9.19 2.31
N ILE A 6 20.67 8.20 1.45
CA ILE A 6 21.06 6.89 1.90
C ILE A 6 22.48 6.54 1.44
N GLN A 7 23.32 6.13 2.37
CA GLN A 7 24.66 5.71 2.01
C GLN A 7 24.60 4.19 2.23
N ALA A 8 24.98 3.44 1.21
CA ALA A 8 24.91 1.99 1.28
C ALA A 8 26.23 1.32 0.92
N GLU A 9 26.53 0.24 1.61
CA GLU A 9 27.76 -0.48 1.36
C GLU A 9 27.61 -1.95 1.76
N PHE A 10 28.35 -2.83 1.09
CA PHE A 10 28.28 -4.25 1.42
C PHE A 10 29.50 -5.02 0.92
N TYR A 11 29.61 -6.24 1.39
CA TYR A 11 30.66 -7.12 0.94
C TYR A 11 30.00 -8.48 0.77
N LEU A 12 30.24 -9.10 -0.38
CA LEU A 12 29.62 -10.39 -0.70
C LEU A 12 30.60 -11.53 -0.93
N LEU A 13 30.29 -12.69 -0.36
CA LEU A 13 31.08 -13.90 -0.56
C LEU A 13 30.11 -14.95 -1.10
N PRO A 14 30.62 -15.89 -1.91
CA PRO A 14 32.03 -16.03 -2.32
C PRO A 14 32.51 -15.16 -3.46
N ASP A 15 31.62 -14.38 -4.07
CA ASP A 15 32.03 -13.55 -5.20
C ASP A 15 33.15 -12.56 -4.87
N LYS A 16 33.34 -12.27 -3.58
CA LYS A 16 34.38 -11.33 -3.17
C LYS A 16 34.16 -9.96 -3.79
N ARG A 17 32.95 -9.43 -3.67
CA ARG A 17 32.64 -8.11 -4.22
C ARG A 17 32.08 -7.17 -3.21
N GLY A 18 32.53 -5.92 -3.29
CA GLY A 18 32.06 -4.89 -2.39
C GLY A 18 31.49 -3.69 -3.13
N GLU A 19 30.72 -2.88 -2.43
CA GLU A 19 30.11 -1.71 -3.04
C GLU A 19 29.94 -0.63 -1.99
N PHE A 20 30.00 0.62 -2.43
CA PHE A 20 29.85 1.78 -1.57
C PHE A 20 29.20 2.86 -2.45
N MET A 21 28.03 3.33 -2.06
CA MET A 21 27.37 4.35 -2.87
C MET A 21 26.45 5.29 -2.07
N PHE A 22 26.03 6.37 -2.72
CA PHE A 22 25.10 7.32 -2.10
C PHE A 22 23.84 7.43 -2.93
N ASP A 23 22.72 7.55 -2.24
CA ASP A 23 21.42 7.64 -2.86
C ASP A 23 20.70 8.90 -2.34
N PHE A 24 20.02 9.63 -3.23
CA PHE A 24 19.26 10.82 -2.86
C PHE A 24 17.83 10.68 -3.37
N ASP A 25 16.88 10.59 -2.44
CA ASP A 25 15.48 10.44 -2.79
C ASP A 25 15.23 9.32 -3.83
N GLY A 26 15.98 8.22 -3.68
CA GLY A 26 15.79 7.10 -4.59
C GLY A 26 16.71 7.00 -5.81
N ASP A 27 17.53 8.03 -6.05
CA ASP A 27 18.44 8.00 -7.19
C ASP A 27 19.89 8.05 -6.80
N GLU A 28 20.72 7.32 -7.52
CA GLU A 28 22.15 7.26 -7.23
C GLU A 28 22.87 8.58 -7.43
N ILE A 29 23.64 8.99 -6.42
CA ILE A 29 24.43 10.21 -6.54
C ILE A 29 25.78 9.81 -7.13
N PHE A 30 26.37 8.79 -6.54
CA PHE A 30 27.66 8.26 -7.00
C PHE A 30 27.96 6.96 -6.28
N HIS A 31 28.94 6.24 -6.79
CA HIS A 31 29.41 5.02 -6.14
C HIS A 31 30.91 5.00 -6.33
N VAL A 32 31.60 4.21 -5.53
CA VAL A 32 33.05 4.12 -5.65
C VAL A 32 33.47 2.85 -6.33
N ASP A 33 34.23 2.99 -7.41
CA ASP A 33 34.74 1.82 -8.08
C ASP A 33 35.83 1.29 -7.14
N ILE A 34 35.58 0.16 -6.50
CA ILE A 34 36.53 -0.41 -5.56
C ILE A 34 37.89 -0.70 -6.16
N GLU A 35 37.94 -1.38 -7.30
CA GLU A 35 39.19 -1.74 -7.97
C GLU A 35 40.04 -0.55 -8.29
N LYS A 36 39.47 0.39 -9.04
CA LYS A 36 40.19 1.58 -9.47
C LYS A 36 40.29 2.68 -8.41
N SER A 37 39.61 2.48 -7.29
CA SER A 37 39.65 3.46 -6.21
C SER A 37 39.25 4.87 -6.61
N GLU A 38 38.16 5.00 -7.33
CA GLU A 38 37.72 6.32 -7.72
C GLU A 38 36.22 6.51 -7.66
N THR A 39 35.82 7.78 -7.57
CA THR A 39 34.42 8.16 -7.48
C THR A 39 33.80 8.23 -8.87
N ILE A 40 32.65 7.58 -9.03
CA ILE A 40 31.95 7.60 -10.30
C ILE A 40 30.61 8.26 -10.07
N TRP A 41 30.44 9.46 -10.62
CA TRP A 41 29.20 10.19 -10.47
C TRP A 41 28.15 9.67 -11.45
N ARG A 42 26.92 9.48 -10.98
CA ARG A 42 25.85 8.97 -11.83
C ARG A 42 25.63 9.94 -13.00
N LEU A 43 25.75 11.23 -12.72
CA LEU A 43 25.61 12.28 -13.73
C LEU A 43 26.88 13.13 -13.70
N GLU A 44 27.54 13.22 -14.84
CA GLU A 44 28.78 13.96 -14.99
C GLU A 44 28.73 15.30 -14.29
N GLU A 45 27.70 16.10 -14.59
CA GLU A 45 27.51 17.42 -13.99
C GLU A 45 27.69 17.46 -12.47
N PHE A 46 27.40 16.36 -11.78
CA PHE A 46 27.53 16.34 -10.32
C PHE A 46 28.96 16.66 -9.83
N ALA A 47 29.96 16.18 -10.55
CA ALA A 47 31.36 16.37 -10.19
C ALA A 47 31.81 17.82 -9.92
N LYS A 48 31.22 18.80 -10.61
CA LYS A 48 31.60 20.18 -10.42
C LYS A 48 30.98 20.82 -9.18
N PHE A 49 30.10 20.07 -8.51
CA PHE A 49 29.43 20.57 -7.31
C PHE A 49 29.86 19.92 -6.00
N ALA A 50 30.58 18.80 -6.08
CA ALA A 50 31.03 18.13 -4.88
C ALA A 50 32.19 17.19 -5.19
N SER A 51 32.79 16.63 -4.14
CA SER A 51 33.89 15.69 -4.30
C SER A 51 33.92 14.71 -3.14
N PHE A 52 34.60 13.60 -3.35
CA PHE A 52 34.67 12.58 -2.34
C PHE A 52 36.05 11.92 -2.35
N GLU A 53 36.50 11.54 -1.16
CA GLU A 53 37.79 10.93 -1.00
C GLU A 53 37.54 9.42 -0.91
N ALA A 54 37.78 8.72 -2.03
CA ALA A 54 37.55 7.27 -2.15
C ALA A 54 38.19 6.35 -1.11
N GLN A 55 39.43 6.61 -0.74
CA GLN A 55 40.13 5.76 0.23
C GLN A 55 39.28 5.55 1.48
N GLY A 56 38.50 6.56 1.87
CA GLY A 56 37.63 6.42 3.04
C GLY A 56 36.62 5.29 2.85
N ALA A 57 36.09 5.19 1.63
CA ALA A 57 35.12 4.16 1.29
C ALA A 57 35.80 2.81 1.27
N LEU A 58 37.02 2.77 0.73
CA LEU A 58 37.74 1.50 0.69
C LEU A 58 38.02 0.97 2.09
N ALA A 59 38.26 1.87 3.02
CA ALA A 59 38.52 1.47 4.41
C ALA A 59 37.26 0.83 4.97
N ASN A 60 36.12 1.49 4.72
CA ASN A 60 34.85 0.96 5.18
C ASN A 60 34.61 -0.45 4.66
N ILE A 61 34.93 -0.67 3.37
CA ILE A 61 34.75 -1.99 2.79
C ILE A 61 35.66 -3.01 3.52
N ALA A 62 36.89 -2.59 3.82
CA ALA A 62 37.82 -3.49 4.51
C ALA A 62 37.22 -3.92 5.83
N VAL A 63 36.57 -2.97 6.51
CA VAL A 63 35.91 -3.32 7.77
C VAL A 63 34.75 -4.28 7.51
N ASP A 64 34.01 -4.06 6.42
CA ASP A 64 32.90 -4.96 6.12
C ASP A 64 33.41 -6.35 5.79
N LYS A 65 34.54 -6.45 5.09
CA LYS A 65 35.13 -7.77 4.74
C LYS A 65 35.36 -8.56 6.04
N ALA A 66 36.06 -7.90 6.96
CA ALA A 66 36.40 -8.47 8.25
C ALA A 66 35.15 -8.87 9.03
N ASN A 67 34.18 -7.95 9.11
CA ASN A 67 32.96 -8.24 9.84
C ASN A 67 32.18 -9.41 9.28
N LEU A 68 32.23 -9.60 7.96
CA LEU A 68 31.50 -10.69 7.34
C LEU A 68 32.01 -12.01 7.89
N ASP A 69 33.32 -12.11 8.08
CA ASP A 69 33.89 -13.34 8.59
C ASP A 69 33.40 -13.61 10.01
N VAL A 70 33.27 -12.53 10.77
CA VAL A 70 32.78 -12.66 12.14
C VAL A 70 31.32 -13.12 12.08
N MET A 71 30.55 -12.47 11.21
CA MET A 71 29.15 -12.82 11.07
C MET A 71 28.94 -14.26 10.63
N LYS A 72 29.79 -14.78 9.76
CA LYS A 72 29.63 -16.16 9.31
C LYS A 72 29.78 -17.10 10.49
N GLU A 73 30.81 -16.86 11.30
CA GLU A 73 31.10 -17.68 12.48
C GLU A 73 30.04 -17.54 13.57
N ARG A 74 29.55 -16.33 13.76
CA ARG A 74 28.55 -16.06 14.78
C ARG A 74 27.20 -16.71 14.55
N SER A 75 26.84 -16.96 13.29
CA SER A 75 25.53 -17.58 13.05
C SER A 75 25.57 -19.10 12.95
N ASN A 76 26.68 -19.65 12.43
CA ASN A 76 26.77 -21.10 12.30
C ASN A 76 25.56 -21.67 11.55
N ASN A 77 25.75 -22.04 10.29
CA ASN A 77 24.66 -22.58 9.49
C ASN A 77 23.63 -21.48 9.26
N THR A 78 24.12 -20.27 9.01
CA THR A 78 23.22 -19.16 8.79
C THR A 78 22.73 -19.11 7.35
N PRO A 79 23.44 -19.82 6.48
CA PRO A 79 23.06 -19.87 5.08
C PRO A 79 21.56 -20.05 4.91
N ASP A 80 21.02 -19.56 3.79
CA ASP A 80 19.60 -19.70 3.57
C ASP A 80 19.15 -19.55 2.12
N ALA A 81 17.89 -19.05 1.96
CA ALA A 81 17.28 -18.84 0.67
C ALA A 81 17.72 -17.53 0.05
N ASN A 82 16.94 -17.08 -0.93
CA ASN A 82 17.21 -15.85 -1.64
C ASN A 82 15.92 -15.37 -2.28
N VAL A 83 15.98 -14.19 -2.87
CA VAL A 83 14.80 -13.62 -3.51
C VAL A 83 15.02 -13.35 -4.99
N ALA A 84 14.25 -14.04 -5.83
CA ALA A 84 14.34 -13.87 -7.27
C ALA A 84 13.82 -12.48 -7.60
N PRO A 85 14.37 -11.85 -8.63
CA PRO A 85 13.94 -10.51 -9.03
C PRO A 85 12.71 -10.43 -9.92
N GLU A 86 12.09 -9.26 -9.92
CA GLU A 86 10.98 -8.96 -10.78
C GLU A 86 11.70 -8.26 -11.91
N VAL A 87 11.30 -8.51 -13.14
CA VAL A 87 11.94 -7.87 -14.27
C VAL A 87 10.92 -7.22 -15.19
N THR A 88 11.24 -6.00 -15.61
CA THR A 88 10.35 -5.22 -16.45
C THR A 88 11.15 -4.54 -17.53
N VAL A 89 10.53 -4.33 -18.68
CA VAL A 89 11.21 -3.67 -19.78
C VAL A 89 10.28 -2.61 -20.39
N LEU A 90 10.78 -1.38 -20.52
CA LEU A 90 10.00 -0.28 -21.08
C LEU A 90 10.97 0.68 -21.73
N SER A 91 10.47 1.52 -22.63
CA SER A 91 11.35 2.50 -23.27
C SER A 91 11.54 3.72 -22.35
N ARG A 92 12.66 4.43 -22.52
CA ARG A 92 12.97 5.60 -21.73
C ARG A 92 11.96 6.72 -21.98
N SER A 93 11.68 6.99 -23.24
CA SER A 93 10.74 8.05 -23.59
C SER A 93 9.88 7.56 -24.76
N PRO A 94 8.86 8.32 -25.14
CA PRO A 94 7.98 7.92 -26.26
C PRO A 94 8.76 7.45 -27.49
N VAL A 95 8.37 6.30 -28.01
CA VAL A 95 9.05 5.72 -29.15
C VAL A 95 8.48 6.12 -30.50
N ASN A 96 9.35 6.66 -31.34
CA ASN A 96 9.02 7.08 -32.70
C ASN A 96 9.92 6.43 -33.73
N LEU A 97 9.36 5.70 -34.69
CA LEU A 97 10.16 5.03 -35.72
C LEU A 97 11.30 5.89 -36.21
N GLY A 98 12.47 5.27 -36.36
CA GLY A 98 13.62 5.97 -36.86
C GLY A 98 14.32 6.88 -35.87
N GLU A 99 13.65 7.21 -34.76
CA GLU A 99 14.27 8.07 -33.76
C GLU A 99 14.92 7.22 -32.65
N PRO A 100 16.28 7.23 -32.56
CA PRO A 100 17.00 6.45 -31.55
C PRO A 100 16.44 6.65 -30.17
N ASN A 101 16.30 5.57 -29.44
CA ASN A 101 15.72 5.64 -28.12
C ASN A 101 16.51 4.68 -27.22
N ILE A 102 16.00 4.43 -26.02
CA ILE A 102 16.66 3.54 -25.09
C ILE A 102 15.72 2.62 -24.37
N LEU A 103 16.04 1.34 -24.33
CA LEU A 103 15.19 0.37 -23.61
C LEU A 103 15.77 0.25 -22.20
N ILE A 104 14.88 0.19 -21.22
CA ILE A 104 15.30 0.09 -19.84
C ILE A 104 14.90 -1.26 -19.30
N CYS A 105 15.84 -1.99 -18.72
CA CYS A 105 15.51 -3.27 -18.12
C CYS A 105 15.59 -3.04 -16.62
N PHE A 106 14.43 -3.06 -15.97
CA PHE A 106 14.33 -2.80 -14.53
C PHE A 106 14.29 -4.11 -13.74
N ILE A 107 15.33 -4.35 -12.92
CA ILE A 107 15.46 -5.57 -12.12
C ILE A 107 15.25 -5.16 -10.66
N ASP A 108 14.19 -5.67 -10.03
CA ASP A 108 13.81 -5.26 -8.68
C ASP A 108 13.56 -6.35 -7.66
N LYS A 109 13.59 -5.96 -6.38
CA LYS A 109 13.34 -6.83 -5.25
C LYS A 109 14.11 -8.15 -5.20
N PHE A 110 15.43 -8.10 -5.20
CA PHE A 110 16.20 -9.34 -5.17
C PHE A 110 17.42 -9.26 -4.25
N SER A 111 17.98 -10.43 -3.96
CA SER A 111 19.15 -10.61 -3.11
C SER A 111 19.49 -12.09 -3.17
N PRO A 112 20.77 -12.44 -3.15
CA PRO A 112 21.97 -11.59 -3.06
C PRO A 112 22.09 -10.63 -4.25
N PRO A 113 22.93 -9.60 -4.11
CA PRO A 113 23.14 -8.61 -5.19
C PRO A 113 24.13 -9.11 -6.25
N VAL A 114 23.68 -10.05 -7.06
CA VAL A 114 24.49 -10.65 -8.13
C VAL A 114 23.54 -11.06 -9.25
N VAL A 115 23.85 -10.68 -10.49
CA VAL A 115 22.99 -11.05 -11.61
C VAL A 115 23.72 -11.09 -12.92
N ASN A 116 23.15 -11.84 -13.86
CA ASN A 116 23.69 -11.94 -15.21
C ASN A 116 22.60 -11.42 -16.11
N VAL A 117 22.88 -10.31 -16.79
CA VAL A 117 21.93 -9.69 -17.66
C VAL A 117 22.40 -9.69 -19.10
N THR A 118 21.51 -10.09 -20.01
CA THR A 118 21.83 -10.13 -21.44
C THR A 118 20.77 -9.44 -22.26
N TRP A 119 21.17 -8.51 -23.13
CA TRP A 119 20.21 -7.84 -23.99
C TRP A 119 20.16 -8.65 -25.28
N LEU A 120 18.93 -8.89 -25.76
CA LEU A 120 18.76 -9.64 -26.99
C LEU A 120 17.95 -8.84 -28.01
N ARG A 121 18.42 -8.86 -29.24
CA ARG A 121 17.73 -8.19 -30.34
C ARG A 121 17.47 -9.30 -31.36
N ASN A 122 16.20 -9.62 -31.58
CA ASN A 122 15.80 -10.71 -32.48
C ASN A 122 16.54 -11.97 -32.04
N GLY A 123 16.59 -12.17 -30.73
CA GLY A 123 17.27 -13.32 -30.17
C GLY A 123 18.78 -13.27 -30.12
N ARG A 124 19.42 -12.17 -30.51
CA ARG A 124 20.88 -12.11 -30.47
C ARG A 124 21.44 -11.21 -29.39
N PRO A 125 22.56 -11.63 -28.77
CA PRO A 125 23.18 -10.83 -27.71
C PRO A 125 23.72 -9.50 -28.22
N VAL A 126 23.45 -8.41 -27.50
CA VAL A 126 23.95 -7.10 -27.88
C VAL A 126 24.86 -6.63 -26.76
N THR A 127 26.09 -6.25 -27.10
CA THR A 127 27.03 -5.76 -26.11
C THR A 127 27.55 -4.37 -26.39
N GLU A 128 27.15 -3.79 -27.51
CA GLU A 128 27.56 -2.43 -27.83
C GLU A 128 26.35 -1.50 -27.68
N GLY A 129 26.54 -0.37 -27.00
CA GLY A 129 25.45 0.56 -26.82
C GLY A 129 24.59 0.13 -25.65
N VAL A 130 25.23 -0.48 -24.66
CA VAL A 130 24.54 -0.91 -23.45
C VAL A 130 25.27 -0.33 -22.22
N SER A 131 24.56 -0.24 -21.08
CA SER A 131 25.17 0.25 -19.85
C SER A 131 24.31 -0.23 -18.68
N GLU A 132 24.79 0.01 -17.46
CA GLU A 132 24.12 -0.46 -16.29
C GLU A 132 24.51 0.31 -15.02
N THR A 133 23.72 0.13 -13.99
CA THR A 133 23.98 0.76 -12.74
C THR A 133 24.51 -0.30 -11.81
N VAL A 134 24.96 0.10 -10.63
CA VAL A 134 25.44 -0.85 -9.64
C VAL A 134 24.19 -1.25 -8.87
N PHE A 135 24.34 -2.05 -7.82
CA PHE A 135 23.21 -2.49 -7.04
C PHE A 135 22.68 -1.40 -6.11
N LEU A 136 21.47 -0.94 -6.42
CA LEU A 136 20.85 0.13 -5.66
C LEU A 136 20.00 -0.33 -4.50
N PRO A 137 19.99 0.45 -3.42
CA PRO A 137 19.22 0.14 -2.21
C PRO A 137 17.72 0.41 -2.33
N ARG A 138 16.93 -0.34 -1.57
CA ARG A 138 15.48 -0.18 -1.54
C ARG A 138 15.13 0.22 -0.10
N ASP A 139 13.83 0.38 0.22
CA ASP A 139 13.45 0.72 1.59
C ASP A 139 13.67 -0.45 2.52
N ASP A 140 13.69 -1.67 1.95
CA ASP A 140 13.88 -2.87 2.76
C ASP A 140 15.29 -3.44 2.64
N HIS A 141 15.40 -4.75 2.70
CA HIS A 141 16.67 -5.44 2.63
C HIS A 141 17.05 -5.92 1.24
N LEU A 142 16.25 -5.59 0.24
CA LEU A 142 16.54 -6.05 -1.13
C LEU A 142 17.16 -4.99 -2.03
N PHE A 143 17.59 -5.41 -3.22
CA PHE A 143 18.24 -4.50 -4.16
C PHE A 143 17.44 -4.30 -5.44
N ARG A 144 17.80 -3.26 -6.19
CA ARG A 144 17.20 -3.01 -7.50
C ARG A 144 18.35 -2.62 -8.43
N LYS A 145 18.13 -2.67 -9.74
CA LYS A 145 19.20 -2.37 -10.67
C LYS A 145 18.60 -2.00 -12.06
N PHE A 146 19.33 -1.19 -12.82
CA PHE A 146 18.88 -0.79 -14.14
C PHE A 146 19.91 -1.12 -15.22
N HIS A 147 19.45 -1.69 -16.34
CA HIS A 147 20.30 -1.97 -17.50
C HIS A 147 19.72 -1.19 -18.66
N TYR A 148 20.57 -0.72 -19.56
CA TYR A 148 20.09 0.11 -20.68
C TYR A 148 20.60 -0.36 -22.04
N LEU A 149 19.73 -0.26 -23.06
CA LEU A 149 20.08 -0.64 -24.41
C LEU A 149 19.66 0.43 -25.39
N THR A 150 20.60 0.90 -26.19
CA THR A 150 20.31 1.91 -27.21
C THR A 150 19.75 1.19 -28.42
N PHE A 151 18.76 1.76 -29.10
CA PHE A 151 18.19 1.08 -30.25
C PHE A 151 17.50 1.96 -31.27
N LEU A 152 17.33 1.42 -32.48
CA LEU A 152 16.62 2.11 -33.54
C LEU A 152 15.25 1.48 -33.67
N PRO A 153 14.20 2.24 -33.34
CA PRO A 153 12.82 1.75 -33.39
C PRO A 153 12.45 1.23 -34.78
N SER A 154 11.76 0.10 -34.82
CA SER A 154 11.33 -0.53 -36.05
C SER A 154 10.13 -1.46 -35.80
N THR A 155 9.24 -1.57 -36.78
CA THR A 155 8.05 -2.41 -36.64
C THR A 155 8.32 -3.93 -36.71
N ASP A 156 9.47 -4.32 -37.24
CA ASP A 156 9.77 -5.75 -37.38
C ASP A 156 10.78 -6.38 -36.42
N ASP A 157 11.42 -5.57 -35.56
CA ASP A 157 12.37 -6.14 -34.62
C ASP A 157 11.73 -6.35 -33.28
N PHE A 158 12.34 -7.20 -32.46
CA PHE A 158 11.82 -7.43 -31.15
C PHE A 158 13.00 -7.59 -30.18
N TYR A 159 12.77 -7.25 -28.92
CA TYR A 159 13.80 -7.30 -27.91
C TYR A 159 13.46 -8.13 -26.70
N ASP A 160 14.50 -8.50 -25.96
CA ASP A 160 14.35 -9.26 -24.73
C ASP A 160 15.46 -8.93 -23.76
N CYS A 161 15.11 -8.89 -22.47
CA CYS A 161 16.07 -8.65 -21.42
C CYS A 161 16.17 -10.01 -20.73
N GLU A 162 17.35 -10.62 -20.73
CA GLU A 162 17.52 -11.91 -20.08
C GLU A 162 18.27 -11.77 -18.76
N VAL A 163 17.60 -12.17 -17.69
CA VAL A 163 18.15 -12.07 -16.35
C VAL A 163 18.25 -13.43 -15.67
N ASP A 164 19.45 -13.72 -15.15
CA ASP A 164 19.69 -14.97 -14.45
C ASP A 164 20.05 -14.61 -13.02
N HIS A 165 19.47 -15.32 -12.06
CA HIS A 165 19.70 -15.07 -10.65
C HIS A 165 19.56 -16.41 -9.92
N TRP A 166 20.32 -16.59 -8.85
CA TRP A 166 20.27 -17.85 -8.09
C TRP A 166 18.87 -18.24 -7.64
N GLY A 167 18.01 -17.24 -7.43
CA GLY A 167 16.66 -17.50 -7.00
C GLY A 167 15.71 -17.92 -8.11
N LEU A 168 16.21 -17.97 -9.34
CA LEU A 168 15.40 -18.35 -10.48
C LEU A 168 15.68 -19.80 -10.94
N GLU A 169 14.62 -20.51 -11.31
CA GLU A 169 14.77 -21.87 -11.80
C GLU A 169 15.65 -21.81 -13.05
N GLU A 170 15.14 -21.15 -14.08
CA GLU A 170 15.83 -20.95 -15.36
C GLU A 170 15.93 -19.44 -15.58
N PRO A 171 16.83 -19.01 -16.47
CA PRO A 171 16.96 -17.58 -16.71
C PRO A 171 15.64 -16.95 -17.16
N LEU A 172 15.35 -15.75 -16.64
CA LEU A 172 14.12 -15.05 -16.96
C LEU A 172 14.28 -14.13 -18.20
N ARG A 173 13.26 -14.11 -19.07
CA ARG A 173 13.31 -13.31 -20.30
C ARG A 173 12.10 -12.42 -20.47
N LYS A 174 12.30 -11.10 -20.43
CA LYS A 174 11.16 -10.20 -20.63
C LYS A 174 11.24 -9.55 -22.01
N HIS A 175 10.12 -9.65 -22.70
CA HIS A 175 9.98 -9.20 -24.06
C HIS A 175 9.51 -7.77 -24.29
N TRP A 176 9.93 -7.18 -25.41
CA TRP A 176 9.53 -5.82 -25.76
C TRP A 176 9.49 -5.65 -27.28
N GLU A 177 8.42 -5.03 -27.80
CA GLU A 177 8.24 -4.80 -29.23
C GLU A 177 7.65 -3.42 -29.40
N PHE A 178 7.96 -2.77 -30.50
CA PHE A 178 7.41 -1.46 -30.74
C PHE A 178 5.97 -1.52 -31.25
N GLU A 179 5.14 -0.57 -30.82
CA GLU A 179 3.75 -0.51 -31.25
C GLU A 179 3.38 0.94 -31.45
N GLU A 180 2.78 1.25 -32.60
CA GLU A 180 2.36 2.62 -32.90
C GLU A 180 1.01 2.97 -32.26
N ALA B 1 32.95 22.49 -5.27
CA ALA B 1 33.12 21.04 -4.96
C ALA B 1 33.53 20.80 -3.48
N ASP B 2 32.54 20.82 -2.58
CA ASP B 2 32.76 20.58 -1.14
C ASP B 2 32.79 19.06 -0.91
N LEU B 3 33.46 18.65 0.15
CA LEU B 3 33.66 17.25 0.48
C LEU B 3 32.51 16.56 1.18
N ILE B 4 32.09 15.43 0.62
CA ILE B 4 30.98 14.67 1.20
C ILE B 4 31.50 13.88 2.37
N ALA B 5 30.82 13.93 3.48
CA ALA B 5 31.26 13.16 4.64
C ALA B 5 30.60 11.80 4.51
N TYR B 6 31.13 10.80 5.21
CA TYR B 6 30.56 9.47 5.16
C TYR B 6 30.54 8.87 6.58
N PRO B 7 29.51 8.08 6.93
CA PRO B 7 29.58 7.55 8.28
C PRO B 7 30.67 6.48 8.38
N LYS B 8 31.45 6.48 9.48
CA LYS B 8 32.52 5.51 9.69
C LYS B 8 31.97 4.12 10.04
N ALA B 9 32.61 3.09 9.51
CA ALA B 9 32.18 1.72 9.75
C ALA B 9 32.78 1.22 11.04
N ALA B 10 31.99 0.49 11.82
CA ALA B 10 32.50 -0.02 13.08
C ALA B 10 32.87 -1.45 12.96
N THR B 11 33.88 -1.85 13.74
CA THR B 11 34.39 -3.22 13.77
C THR B 11 33.71 -4.13 14.80
N LYS B 12 33.47 -5.40 14.43
CA LYS B 12 32.83 -6.36 15.32
C LYS B 12 33.75 -7.48 15.84
N PHE B 13 33.32 -8.21 16.88
CA PHE B 13 34.06 -9.40 17.40
C PHE B 13 33.08 -10.55 17.53
N ALA C 1 23.19 -22.73 -3.82
CA ALA C 1 24.53 -22.06 -3.65
C ALA C 1 24.55 -21.21 -2.39
N PRO C 2 25.56 -21.41 -1.51
CA PRO C 2 25.67 -20.63 -0.25
C PRO C 2 26.30 -19.25 -0.49
N TRP C 3 25.68 -18.21 0.05
CA TRP C 3 26.21 -16.85 -0.11
C TRP C 3 26.19 -16.14 1.23
N PHE C 4 27.11 -15.21 1.41
CA PHE C 4 27.22 -14.46 2.66
C PHE C 4 27.38 -12.97 2.35
N LEU C 5 26.49 -12.18 2.92
CA LEU C 5 26.44 -10.75 2.68
C LEU C 5 26.44 -9.86 3.90
N GLU C 6 27.44 -8.99 4.04
CA GLU C 6 27.45 -8.03 5.16
C GLU C 6 27.04 -6.73 4.47
N TYR C 7 25.85 -6.24 4.82
CA TYR C 7 25.28 -5.06 4.18
C TYR C 7 24.73 -4.05 5.19
N SER C 8 25.06 -2.78 5.01
CA SER C 8 24.56 -1.73 5.91
C SER C 8 24.09 -0.50 5.14
N LYS C 9 23.08 0.15 5.70
CA LYS C 9 22.54 1.36 5.12
C LYS C 9 22.53 2.46 6.17
N SER C 10 23.05 3.64 5.83
CA SER C 10 23.01 4.75 6.74
C SER C 10 22.07 5.77 6.12
N GLU C 11 20.86 5.83 6.66
CA GLU C 11 19.84 6.73 6.13
C GLU C 11 19.74 8.02 6.91
N CYS C 12 19.81 9.15 6.20
CA CYS C 12 19.67 10.46 6.79
C CYS C 12 18.30 10.98 6.36
N HIS C 13 17.39 11.18 7.31
CA HIS C 13 16.04 11.66 7.05
C HIS C 13 15.87 13.15 7.37
N PHE C 14 15.32 13.92 6.43
CA PHE C 14 15.10 15.35 6.61
C PHE C 14 13.64 15.77 6.57
N TYR C 15 13.24 16.61 7.51
CA TYR C 15 11.87 17.10 7.56
C TYR C 15 11.93 18.63 7.61
N ASN C 16 11.44 19.27 6.54
CA ASN C 16 11.45 20.72 6.42
C ASN C 16 12.90 21.20 6.51
N GLY C 17 13.67 20.92 5.46
CA GLY C 17 15.08 21.30 5.44
C GLY C 17 15.81 20.51 6.49
N THR C 18 16.93 21.04 6.97
CA THR C 18 17.70 20.37 8.02
C THR C 18 17.16 20.79 9.39
N GLN C 19 15.89 21.20 9.43
CA GLN C 19 15.26 21.63 10.67
C GLN C 19 15.26 20.47 11.64
N ARG C 20 14.81 19.31 11.15
CA ARG C 20 14.78 18.12 11.97
C ARG C 20 15.44 16.96 11.24
N VAL C 21 16.61 16.55 11.70
CA VAL C 21 17.34 15.46 11.09
C VAL C 21 17.24 14.22 11.94
N ARG C 22 17.27 13.07 11.30
CA ARG C 22 17.22 11.80 12.01
C ARG C 22 18.08 10.77 11.29
N LEU C 23 19.08 10.23 11.99
CA LEU C 23 19.95 9.25 11.39
C LEU C 23 19.50 7.83 11.76
N LEU C 24 19.44 6.96 10.76
CA LEU C 24 19.04 5.58 11.01
C LEU C 24 19.95 4.60 10.27
N VAL C 25 20.81 3.92 11.01
CA VAL C 25 21.73 2.97 10.44
C VAL C 25 21.18 1.57 10.60
N ARG C 26 21.10 0.82 9.50
CA ARG C 26 20.54 -0.52 9.53
C ARG C 26 21.55 -1.55 9.02
N TYR C 27 21.71 -2.62 9.80
CA TYR C 27 22.65 -3.67 9.46
C TYR C 27 21.91 -4.95 9.05
N PHE C 28 22.33 -5.55 7.94
CA PHE C 28 21.71 -6.79 7.51
C PHE C 28 22.79 -7.84 7.25
N TYR C 29 22.43 -9.10 7.51
CA TYR C 29 23.30 -10.23 7.25
C TYR C 29 22.41 -11.09 6.35
N ASN C 30 22.75 -11.13 5.05
CA ASN C 30 21.95 -11.85 4.06
C ASN C 30 20.56 -11.25 3.97
N LEU C 31 19.53 -11.95 4.42
CA LEU C 31 18.19 -11.38 4.32
C LEU C 31 17.63 -10.83 5.62
N GLU C 32 18.40 -10.90 6.70
CA GLU C 32 17.91 -10.41 7.99
C GLU C 32 18.50 -9.08 8.46
N GLU C 33 17.62 -8.17 8.86
CA GLU C 33 18.04 -6.90 9.40
C GLU C 33 18.26 -7.32 10.86
N ASN C 34 19.51 -7.26 11.34
CA ASN C 34 19.80 -7.71 12.70
C ASN C 34 20.10 -6.65 13.76
N LEU C 35 20.40 -5.43 13.34
CA LEU C 35 20.75 -4.38 14.28
C LEU C 35 20.54 -3.01 13.68
N ARG C 36 20.36 -2.00 14.52
CA ARG C 36 20.17 -0.64 14.02
C ARG C 36 20.53 0.42 15.03
N PHE C 37 20.79 1.61 14.51
CA PHE C 37 21.13 2.74 15.33
C PHE C 37 20.21 3.88 14.96
N ASP C 38 19.31 4.25 15.87
CA ASP C 38 18.34 5.33 15.65
C ASP C 38 18.85 6.53 16.43
N SER C 39 19.19 7.61 15.73
CA SER C 39 19.71 8.78 16.42
C SER C 39 18.74 9.29 17.48
N ASP C 40 17.45 9.12 17.24
CA ASP C 40 16.44 9.58 18.19
C ASP C 40 16.44 8.70 19.44
N VAL C 41 17.22 7.64 19.41
CA VAL C 41 17.31 6.75 20.58
C VAL C 41 18.65 6.95 21.28
N GLY C 42 19.68 7.22 20.49
CA GLY C 42 21.00 7.47 21.07
C GLY C 42 21.93 6.28 21.16
N GLU C 43 21.44 5.10 20.85
CA GLU C 43 22.31 3.94 20.93
C GLU C 43 21.81 2.76 20.09
N PHE C 44 22.70 1.79 19.86
CA PHE C 44 22.37 0.62 19.07
C PHE C 44 21.33 -0.25 19.74
N ARG C 45 20.52 -0.91 18.93
CA ARG C 45 19.48 -1.80 19.41
C ARG C 45 19.39 -3.00 18.52
N ALA C 46 19.60 -4.18 19.10
CA ALA C 46 19.53 -5.42 18.35
C ALA C 46 18.15 -5.58 17.76
N VAL C 47 18.08 -6.12 16.55
CA VAL C 47 16.80 -6.34 15.90
C VAL C 47 16.50 -7.81 16.07
N THR C 48 17.54 -8.63 16.01
CA THR C 48 17.41 -10.08 16.20
C THR C 48 18.60 -10.55 17.02
N GLU C 49 18.53 -11.78 17.52
CA GLU C 49 19.60 -12.34 18.31
C GLU C 49 20.99 -12.15 17.69
N LEU C 50 21.08 -12.42 16.40
CA LEU C 50 22.34 -12.31 15.69
C LEU C 50 23.01 -10.95 15.79
N GLY C 51 22.27 -9.93 16.24
CA GLY C 51 22.86 -8.61 16.35
C GLY C 51 23.10 -8.13 17.77
N ARG C 52 22.80 -8.97 18.74
CA ARG C 52 22.98 -8.60 20.13
C ARG C 52 24.44 -8.30 20.50
N PRO C 53 25.36 -9.22 20.18
CA PRO C 53 26.77 -9.03 20.50
C PRO C 53 27.30 -7.66 20.16
N ASP C 54 26.92 -7.15 18.99
CA ASP C 54 27.40 -5.84 18.54
C ASP C 54 26.81 -4.68 19.34
N ALA C 55 25.53 -4.79 19.69
CA ALA C 55 24.88 -3.75 20.47
C ALA C 55 25.58 -3.69 21.82
N GLU C 56 25.74 -4.86 22.45
CA GLU C 56 26.41 -4.96 23.75
C GLU C 56 27.82 -4.37 23.66
N ASN C 57 28.59 -4.84 22.69
CA ASN C 57 29.96 -4.36 22.49
C ASN C 57 30.04 -2.86 22.19
N TRP C 58 29.39 -2.40 21.13
CA TRP C 58 29.48 -0.98 20.78
C TRP C 58 28.86 -0.03 21.78
N ASN C 59 27.74 -0.42 22.38
CA ASN C 59 27.09 0.47 23.35
C ASN C 59 27.95 0.77 24.59
N SER C 60 28.89 -0.12 24.88
CA SER C 60 29.77 0.06 26.02
C SER C 60 31.04 0.84 25.71
N GLN C 61 31.04 1.59 24.61
CA GLN C 61 32.20 2.40 24.24
C GLN C 61 31.72 3.83 24.07
N PRO C 62 31.61 4.58 25.17
CA PRO C 62 31.14 5.97 25.16
C PRO C 62 31.77 6.84 24.08
N GLU C 63 33.06 6.64 23.86
CA GLU C 63 33.78 7.40 22.84
C GLU C 63 33.13 7.22 21.46
N PHE C 64 32.88 5.96 21.10
CA PHE C 64 32.30 5.62 19.82
C PHE C 64 30.84 6.05 19.72
N LEU C 65 30.06 5.86 20.79
CA LEU C 65 28.66 6.28 20.78
C LEU C 65 28.53 7.77 20.56
N GLU C 66 29.41 8.54 21.17
CA GLU C 66 29.38 9.98 21.02
C GLU C 66 29.59 10.34 19.55
N GLN C 67 30.49 9.60 18.89
CA GLN C 67 30.81 9.85 17.48
C GLN C 67 29.63 9.60 16.51
N LYS C 68 28.85 8.56 16.75
CA LYS C 68 27.71 8.26 15.91
C LYS C 68 26.63 9.33 16.06
N ARG C 69 26.29 9.65 17.30
CA ARG C 69 25.29 10.67 17.57
C ARG C 69 25.65 11.97 16.87
N ALA C 70 26.94 12.25 16.76
CA ALA C 70 27.40 13.46 16.11
C ALA C 70 27.27 13.39 14.58
N GLU C 71 27.19 12.18 14.06
CA GLU C 71 27.07 12.00 12.61
C GLU C 71 25.84 12.72 12.06
N VAL C 72 24.84 12.93 12.92
CA VAL C 72 23.63 13.61 12.53
C VAL C 72 24.02 14.99 12.00
N ASP C 73 25.11 15.55 12.53
CA ASP C 73 25.57 16.84 12.06
C ASP C 73 26.80 16.67 11.17
N THR C 74 27.76 15.84 11.60
CA THR C 74 28.97 15.66 10.85
C THR C 74 28.75 15.01 9.50
N VAL C 75 27.70 14.21 9.37
CA VAL C 75 27.42 13.56 8.09
C VAL C 75 26.12 14.07 7.45
N CYS C 76 25.00 13.76 8.10
CA CYS C 76 23.70 14.17 7.58
C CYS C 76 23.59 15.64 7.19
N ARG C 77 23.56 16.54 8.18
CA ARG C 77 23.46 17.97 7.89
C ARG C 77 24.59 18.46 7.01
N HIS C 78 25.79 17.95 7.25
CA HIS C 78 26.95 18.35 6.47
C HIS C 78 26.75 18.10 4.97
N ASN C 79 26.30 16.90 4.64
CA ASN C 79 26.06 16.55 3.25
C ASN C 79 24.84 17.22 2.65
N TYR C 80 23.82 17.46 3.47
CA TYR C 80 22.63 18.11 2.95
C TYR C 80 23.02 19.49 2.45
N GLU C 81 23.86 20.18 3.21
CA GLU C 81 24.30 21.51 2.79
C GLU C 81 24.92 21.48 1.40
N ILE C 82 25.70 20.44 1.11
CA ILE C 82 26.35 20.31 -0.19
C ILE C 82 25.33 20.04 -1.28
N PHE C 83 24.48 19.06 -1.06
CA PHE C 83 23.50 18.65 -2.04
C PHE C 83 22.39 19.70 -2.27
N ASP C 84 22.15 20.54 -1.29
CA ASP C 84 21.13 21.59 -1.43
C ASP C 84 21.51 22.59 -2.53
N ASN C 85 22.75 22.53 -2.99
CA ASN C 85 23.22 23.42 -4.04
C ASN C 85 23.01 22.92 -5.45
N PHE C 86 22.63 21.65 -5.62
CA PHE C 86 22.43 21.15 -6.97
C PHE C 86 21.43 19.98 -7.10
N LEU C 87 21.23 19.19 -6.05
CA LEU C 87 20.30 18.07 -6.14
C LEU C 87 18.89 18.50 -5.67
N VAL C 88 18.79 19.16 -4.53
CA VAL C 88 17.50 19.62 -4.05
C VAL C 88 16.77 20.53 -5.09
N PRO C 89 17.49 21.48 -5.71
CA PRO C 89 16.85 22.37 -6.69
C PRO C 89 16.75 21.86 -8.13
N ARG C 90 17.17 20.62 -8.35
CA ARG C 90 17.12 20.07 -9.71
C ARG C 90 15.70 20.07 -10.25
N ARG C 91 15.52 20.61 -11.45
CA ARG C 91 14.21 20.68 -12.09
C ARG C 91 14.36 20.35 -13.56
N VAL C 92 13.50 19.47 -14.06
CA VAL C 92 13.52 19.13 -15.46
C VAL C 92 12.08 19.12 -15.92
N GLU C 93 11.74 20.01 -16.84
CA GLU C 93 10.38 20.10 -17.34
C GLU C 93 9.97 18.90 -18.17
N PRO C 94 8.74 18.40 -17.95
CA PRO C 94 8.13 17.25 -18.64
C PRO C 94 7.73 17.51 -20.07
N THR C 95 7.65 16.45 -20.85
CA THR C 95 7.18 16.53 -22.22
C THR C 95 5.76 15.94 -22.13
N VAL C 96 4.77 16.71 -22.56
CA VAL C 96 3.39 16.26 -22.48
C VAL C 96 2.75 16.07 -23.84
N THR C 97 2.20 14.88 -24.07
CA THR C 97 1.47 14.62 -25.32
C THR C 97 0.24 13.79 -25.03
N VAL C 98 -0.79 13.98 -25.84
CA VAL C 98 -2.03 13.24 -25.68
C VAL C 98 -2.31 12.43 -26.93
N TYR C 99 -2.98 11.29 -26.77
CA TYR C 99 -3.30 10.44 -27.90
C TYR C 99 -4.32 9.39 -27.52
N PRO C 100 -5.21 9.02 -28.45
CA PRO C 100 -6.25 8.02 -28.23
C PRO C 100 -5.79 6.60 -28.54
N THR C 101 -6.54 5.61 -28.04
CA THR C 101 -6.25 4.20 -28.29
C THR C 101 -7.49 3.34 -28.09
N LYS C 102 -7.31 2.02 -28.24
CA LYS C 102 -8.42 1.10 -28.08
C LYS C 102 -8.40 0.34 -26.77
N THR C 103 -7.40 -0.51 -26.59
CA THR C 103 -7.32 -1.29 -25.35
C THR C 103 -8.40 -2.36 -25.33
N GLN C 104 -9.65 -1.94 -25.45
CA GLN C 104 -10.76 -2.88 -25.45
C GLN C 104 -10.97 -3.58 -26.79
N PRO C 105 -12.22 -3.64 -27.24
CA PRO C 105 -12.54 -4.29 -28.50
C PRO C 105 -12.14 -3.47 -29.71
N LEU C 106 -12.89 -2.41 -29.99
CA LEU C 106 -12.59 -1.57 -31.13
C LEU C 106 -13.74 -0.69 -31.59
N GLU C 107 -13.50 0.06 -32.67
CA GLU C 107 -14.52 0.93 -33.23
C GLU C 107 -14.77 2.21 -32.45
N HIS C 108 -14.22 3.32 -32.95
CA HIS C 108 -14.42 4.61 -32.29
C HIS C 108 -13.27 5.12 -31.42
N HIS C 109 -13.11 4.54 -30.24
CA HIS C 109 -12.05 4.95 -29.32
C HIS C 109 -12.63 4.99 -27.91
N ASN C 110 -11.89 4.46 -26.94
CA ASN C 110 -12.39 4.44 -25.56
C ASN C 110 -11.35 4.89 -24.51
N LEU C 111 -10.10 5.07 -24.92
CA LEU C 111 -9.05 5.50 -23.99
C LEU C 111 -8.27 6.69 -24.47
N LEU C 112 -8.24 7.73 -23.65
CA LEU C 112 -7.50 8.93 -23.97
C LEU C 112 -6.27 8.91 -23.07
N VAL C 113 -5.08 8.91 -23.65
CA VAL C 113 -3.84 8.83 -22.87
C VAL C 113 -3.06 10.13 -22.75
N CYS C 114 -2.73 10.51 -21.52
CA CYS C 114 -1.90 11.68 -21.31
C CYS C 114 -0.52 11.14 -20.92
N SER C 115 0.44 11.31 -21.81
CA SER C 115 1.81 10.85 -21.57
C SER C 115 2.69 11.97 -21.02
N VAL C 116 3.21 11.78 -19.82
CA VAL C 116 4.06 12.77 -19.20
C VAL C 116 5.42 12.15 -18.93
N SER C 117 6.43 12.58 -19.66
CA SER C 117 7.74 11.99 -19.49
C SER C 117 8.92 12.93 -19.32
N ASP C 118 10.04 12.34 -18.98
CA ASP C 118 11.29 13.04 -18.83
C ASP C 118 11.20 14.24 -17.87
N PHE C 119 10.74 14.01 -16.65
CA PHE C 119 10.62 15.09 -15.69
C PHE C 119 11.28 14.77 -14.35
N TYR C 120 11.48 15.82 -13.55
CA TYR C 120 12.07 15.72 -12.24
C TYR C 120 11.81 17.03 -11.50
N PRO C 121 11.50 16.96 -10.21
CA PRO C 121 11.36 15.75 -9.39
C PRO C 121 10.08 14.93 -9.64
N GLY C 122 9.85 13.94 -8.78
CA GLY C 122 8.72 13.04 -8.91
C GLY C 122 7.34 13.51 -8.57
N ASN C 123 7.19 14.51 -7.73
CA ASN C 123 5.85 15.00 -7.38
C ASN C 123 5.26 15.80 -8.56
N ILE C 124 4.11 15.35 -9.04
CA ILE C 124 3.46 15.98 -10.18
C ILE C 124 1.95 15.78 -10.15
N GLU C 125 1.22 16.65 -10.86
CA GLU C 125 -0.25 16.52 -10.88
C GLU C 125 -0.68 16.45 -12.34
N VAL C 126 -1.55 15.48 -12.63
CA VAL C 126 -2.06 15.29 -13.97
C VAL C 126 -3.56 15.18 -13.88
N ARG C 127 -4.27 16.14 -14.47
CA ARG C 127 -5.72 16.13 -14.44
C ARG C 127 -6.37 16.10 -15.81
N TRP C 128 -7.56 15.53 -15.88
CA TRP C 128 -8.30 15.45 -17.11
C TRP C 128 -9.55 16.29 -17.03
N PHE C 129 -9.86 16.96 -18.13
CA PHE C 129 -11.06 17.77 -18.19
C PHE C 129 -11.86 17.51 -19.44
N ARG C 130 -13.17 17.52 -19.27
CA ARG C 130 -14.11 17.29 -20.36
C ARG C 130 -14.93 18.59 -20.45
N ASN C 131 -14.65 19.35 -21.49
CA ASN C 131 -15.32 20.64 -21.71
C ASN C 131 -15.35 21.51 -20.46
N GLY C 132 -14.26 21.52 -19.70
CA GLY C 132 -14.22 22.35 -18.51
C GLY C 132 -14.51 21.66 -17.18
N LYS C 133 -15.01 20.42 -17.21
CA LYS C 133 -15.29 19.72 -15.96
C LYS C 133 -14.25 18.62 -15.72
N GLU C 134 -13.62 18.67 -14.56
CA GLU C 134 -12.59 17.71 -14.19
C GLU C 134 -13.12 16.28 -14.04
N GLU C 135 -12.56 15.36 -14.82
CA GLU C 135 -12.95 13.97 -14.75
C GLU C 135 -12.25 13.33 -13.55
N LYS C 136 -13.04 12.94 -12.54
CA LYS C 136 -12.48 12.33 -11.35
C LYS C 136 -12.47 10.82 -11.44
N THR C 137 -13.46 10.22 -12.07
CA THR C 137 -13.52 8.78 -12.19
C THR C 137 -13.18 8.34 -13.61
N GLY C 138 -12.79 7.09 -13.76
CA GLY C 138 -12.43 6.62 -15.09
C GLY C 138 -10.95 6.83 -15.39
N ILE C 139 -10.18 7.21 -14.38
CA ILE C 139 -8.75 7.45 -14.53
C ILE C 139 -7.95 6.21 -14.23
N VAL C 140 -7.01 5.88 -15.09
CA VAL C 140 -6.15 4.72 -14.94
C VAL C 140 -4.73 5.22 -15.13
N SER C 141 -3.84 4.83 -14.23
CA SER C 141 -2.44 5.28 -14.31
C SER C 141 -1.41 4.20 -14.15
N THR C 142 -0.26 4.39 -14.78
CA THR C 142 0.83 3.44 -14.72
C THR C 142 1.64 3.72 -13.48
N GLY C 143 1.35 4.82 -12.83
CA GLY C 143 2.11 5.16 -11.64
C GLY C 143 3.38 5.96 -11.97
N LEU C 144 4.11 6.37 -10.93
CA LEU C 144 5.32 7.14 -11.08
C LEU C 144 6.46 6.20 -11.42
N VAL C 145 6.85 6.17 -12.69
CA VAL C 145 7.91 5.31 -13.16
C VAL C 145 9.28 5.99 -13.13
N ARG C 146 10.16 5.48 -12.28
CA ARG C 146 11.53 6.01 -12.11
C ARG C 146 12.44 5.38 -13.16
N ASN C 147 13.19 6.19 -13.89
CA ASN C 147 14.04 5.66 -14.94
C ASN C 147 15.44 5.27 -14.52
N GLY C 148 15.85 5.70 -13.32
CA GLY C 148 17.18 5.36 -12.82
C GLY C 148 18.26 6.38 -13.19
N ASP C 149 17.92 7.31 -14.09
CA ASP C 149 18.89 8.32 -14.53
C ASP C 149 18.45 9.75 -14.09
N TRP C 150 17.68 9.82 -13.02
CA TRP C 150 17.18 11.07 -12.49
C TRP C 150 16.05 11.70 -13.30
N THR C 151 15.22 10.87 -13.92
CA THR C 151 14.06 11.37 -14.67
C THR C 151 12.91 10.39 -14.44
N PHE C 152 11.68 10.88 -14.56
CA PHE C 152 10.51 10.07 -14.36
C PHE C 152 9.61 10.13 -15.57
N GLN C 153 8.68 9.19 -15.66
CA GLN C 153 7.69 9.18 -16.74
C GLN C 153 6.44 8.52 -16.17
N THR C 154 5.29 8.79 -16.78
CA THR C 154 4.03 8.23 -16.33
C THR C 154 2.95 8.43 -17.39
N LEU C 155 1.92 7.59 -17.35
CA LEU C 155 0.80 7.70 -18.26
C LEU C 155 -0.44 7.83 -17.38
N VAL C 156 -1.30 8.75 -17.72
CA VAL C 156 -2.54 8.91 -17.00
C VAL C 156 -3.61 8.86 -18.07
N MET C 157 -4.44 7.83 -18.00
CA MET C 157 -5.47 7.60 -18.98
C MET C 157 -6.91 7.82 -18.53
N LEU C 158 -7.73 8.35 -19.46
CA LEU C 158 -9.14 8.59 -19.19
C LEU C 158 -9.98 7.68 -20.08
N GLU C 159 -10.91 6.99 -19.46
CA GLU C 159 -11.78 6.08 -20.18
C GLU C 159 -12.99 6.88 -20.64
N THR C 160 -13.20 6.98 -21.95
CA THR C 160 -14.33 7.77 -22.45
C THR C 160 -14.94 7.37 -23.78
N VAL C 161 -16.17 7.82 -23.96
CA VAL C 161 -16.97 7.64 -25.16
C VAL C 161 -17.02 9.05 -25.73
N PRO C 162 -16.05 9.43 -26.56
CA PRO C 162 -16.01 10.77 -27.16
C PRO C 162 -17.22 11.12 -28.02
N GLN C 163 -17.81 12.28 -27.75
CA GLN C 163 -18.97 12.78 -28.48
C GLN C 163 -18.54 14.04 -29.19
N SER C 164 -18.41 13.98 -30.52
CA SER C 164 -17.98 15.14 -31.30
C SER C 164 -18.55 16.45 -30.74
N GLY C 165 -17.65 17.41 -30.54
CA GLY C 165 -18.05 18.68 -29.96
C GLY C 165 -17.41 18.83 -28.60
N GLU C 166 -17.03 17.70 -28.02
CA GLU C 166 -16.38 17.68 -26.72
C GLU C 166 -14.89 17.92 -26.87
N VAL C 167 -14.34 18.73 -25.96
CA VAL C 167 -12.92 19.04 -25.96
C VAL C 167 -12.32 18.48 -24.68
N TYR C 168 -11.31 17.64 -24.81
CA TYR C 168 -10.65 17.07 -23.65
C TYR C 168 -9.32 17.77 -23.41
N THR C 169 -9.02 18.06 -22.15
CA THR C 169 -7.76 18.70 -21.81
C THR C 169 -6.99 17.98 -20.72
N CYS C 170 -5.71 17.73 -20.98
CA CYS C 170 -4.86 17.13 -19.98
C CYS C 170 -4.11 18.31 -19.34
N GLN C 171 -4.17 18.43 -18.03
CA GLN C 171 -3.46 19.52 -17.36
C GLN C 171 -2.38 18.97 -16.42
N VAL C 172 -1.16 19.48 -16.59
CA VAL C 172 -0.04 19.03 -15.79
C VAL C 172 0.56 20.16 -14.94
N GLU C 173 0.65 19.92 -13.64
CA GLU C 173 1.23 20.86 -12.71
C GLU C 173 2.52 20.21 -12.17
N HIS C 174 3.61 20.98 -12.13
CA HIS C 174 4.89 20.46 -11.70
C HIS C 174 5.81 21.62 -11.25
N PRO C 175 6.64 21.40 -10.23
CA PRO C 175 7.56 22.43 -9.72
C PRO C 175 8.46 23.13 -10.74
N SER C 176 8.82 22.43 -11.81
CA SER C 176 9.67 22.99 -12.85
C SER C 176 8.91 23.95 -13.77
N LEU C 177 7.59 24.04 -13.59
CA LEU C 177 6.78 24.89 -14.47
C LEU C 177 6.17 26.06 -13.71
N THR C 178 6.21 27.25 -14.32
CA THR C 178 5.65 28.44 -13.68
C THR C 178 4.13 28.43 -13.85
N ASP C 179 3.66 27.86 -14.95
CA ASP C 179 2.24 27.76 -15.23
C ASP C 179 1.85 26.35 -15.60
N PRO C 180 0.62 25.95 -15.27
CA PRO C 180 0.16 24.60 -15.60
C PRO C 180 0.33 24.36 -17.12
N VAL C 181 0.66 23.15 -17.51
CA VAL C 181 0.77 22.85 -18.92
C VAL C 181 -0.53 22.14 -19.35
N THR C 182 -1.10 22.56 -20.47
CA THR C 182 -2.33 21.95 -20.97
C THR C 182 -2.20 21.49 -22.40
N VAL C 183 -2.90 20.40 -22.70
CA VAL C 183 -2.91 19.83 -24.03
C VAL C 183 -4.34 19.39 -24.32
N GLU C 184 -4.90 19.88 -25.42
CA GLU C 184 -6.26 19.55 -25.77
C GLU C 184 -6.38 18.48 -26.80
N TRP C 185 -7.56 17.88 -26.87
CA TRP C 185 -7.83 16.83 -27.84
C TRP C 185 -9.31 16.82 -28.19
N GLU D 1 -36.82 -7.49 10.74
CA GLU D 1 -35.58 -6.81 10.24
C GLU D 1 -34.47 -6.85 11.29
N GLU D 2 -33.36 -7.48 10.95
CA GLU D 2 -32.21 -7.51 11.84
C GLU D 2 -31.23 -6.51 11.27
N HIS D 3 -30.78 -5.58 12.11
CA HIS D 3 -29.84 -4.56 11.66
C HIS D 3 -28.93 -4.17 12.81
N THR D 4 -27.83 -3.50 12.47
CA THR D 4 -26.88 -3.07 13.48
C THR D 4 -26.23 -1.76 13.09
N ILE D 5 -26.26 -0.80 13.99
CA ILE D 5 -25.62 0.49 13.75
C ILE D 5 -24.53 0.60 14.77
N ILE D 6 -23.30 0.72 14.30
CA ILE D 6 -22.17 0.83 15.21
C ILE D 6 -21.51 2.18 15.07
N GLN D 7 -21.31 2.86 16.19
CA GLN D 7 -20.63 4.14 16.15
C GLN D 7 -19.30 3.81 16.81
N ALA D 8 -18.20 4.13 16.12
CA ALA D 8 -16.86 3.83 16.62
C ALA D 8 -15.96 5.04 16.68
N GLU D 9 -15.13 5.11 17.71
CA GLU D 9 -14.21 6.22 17.86
C GLU D 9 -12.98 5.79 18.66
N PHE D 10 -11.84 6.41 18.38
CA PHE D 10 -10.63 6.09 19.13
C PHE D 10 -9.59 7.20 19.05
N TYR D 11 -8.58 7.09 19.90
CA TYR D 11 -7.48 8.02 19.89
C TYR D 11 -6.23 7.17 20.07
N LEU D 12 -5.24 7.39 19.22
CA LEU D 12 -4.03 6.59 19.25
C LEU D 12 -2.74 7.37 19.50
N LEU D 13 -1.89 6.82 20.34
CA LEU D 13 -0.59 7.43 20.65
C LEU D 13 0.45 6.35 20.35
N PRO D 14 1.66 6.76 19.96
CA PRO D 14 2.11 8.15 19.79
C PRO D 14 1.73 8.88 18.49
N ASP D 15 1.08 8.19 17.56
CA ASP D 15 0.73 8.83 16.30
C ASP D 15 -0.16 10.06 16.47
N LYS D 16 -0.83 10.18 17.61
CA LYS D 16 -1.71 11.33 17.84
C LYS D 16 -2.84 11.40 16.80
N ARG D 17 -3.52 10.27 16.58
CA ARG D 17 -4.61 10.23 15.62
C ARG D 17 -5.91 9.74 16.19
N GLY D 18 -6.99 10.41 15.80
CA GLY D 18 -8.31 10.03 16.28
C GLY D 18 -9.25 9.72 15.13
N GLU D 19 -10.34 9.03 15.43
CA GLU D 19 -11.30 8.70 14.41
C GLU D 19 -12.70 8.64 15.05
N PHE D 20 -13.72 8.91 14.24
CA PHE D 20 -15.12 8.88 14.68
C PHE D 20 -15.93 8.50 13.43
N MET D 21 -16.66 7.40 13.49
CA MET D 21 -17.42 6.97 12.34
C MET D 21 -18.65 6.16 12.66
N PHE D 22 -19.51 5.97 11.66
CA PHE D 22 -20.73 5.19 11.83
C PHE D 22 -20.72 4.04 10.84
N ASP D 23 -21.21 2.89 11.31
CA ASP D 23 -21.27 1.67 10.52
C ASP D 23 -22.71 1.12 10.54
N PHE D 24 -23.19 0.70 9.38
CA PHE D 24 -24.53 0.12 9.26
C PHE D 24 -24.41 -1.27 8.62
N ASP D 25 -24.78 -2.31 9.39
CA ASP D 25 -24.69 -3.70 8.92
C ASP D 25 -23.33 -4.02 8.27
N GLY D 26 -22.25 -3.49 8.83
CA GLY D 26 -20.91 -3.77 8.30
C GLY D 26 -20.31 -2.78 7.31
N ASP D 27 -21.10 -1.80 6.86
CA ASP D 27 -20.58 -0.79 5.93
C ASP D 27 -20.57 0.62 6.50
N GLU D 28 -19.52 1.36 6.17
CA GLU D 28 -19.38 2.72 6.67
C GLU D 28 -20.45 3.65 6.13
N ILE D 29 -21.05 4.43 7.03
CA ILE D 29 -22.07 5.40 6.64
C ILE D 29 -21.31 6.69 6.39
N PHE D 30 -20.49 7.07 7.36
CA PHE D 30 -19.69 8.28 7.25
C PHE D 30 -18.66 8.31 8.38
N HIS D 31 -17.71 9.21 8.27
CA HIS D 31 -16.71 9.38 9.31
C HIS D 31 -16.41 10.88 9.35
N VAL D 32 -15.87 11.37 10.46
CA VAL D 32 -15.55 12.78 10.55
C VAL D 32 -14.09 13.03 10.34
N ASP D 33 -13.77 13.90 9.40
CA ASP D 33 -12.37 14.25 9.19
C ASP D 33 -12.04 15.16 10.39
N ILE D 34 -11.21 14.68 11.30
CA ILE D 34 -10.87 15.43 12.49
C ILE D 34 -10.23 16.78 12.20
N GLU D 35 -9.21 16.79 11.34
CA GLU D 35 -8.51 18.03 10.99
C GLU D 35 -9.43 19.09 10.44
N LYS D 36 -10.12 18.75 9.36
CA LYS D 36 -11.01 19.69 8.68
C LYS D 36 -12.37 19.89 9.36
N SER D 37 -12.64 19.10 10.38
CA SER D 37 -13.89 19.20 11.11
C SER D 37 -15.14 19.07 10.23
N GLU D 38 -15.16 18.07 9.36
CA GLU D 38 -16.32 17.90 8.52
C GLU D 38 -16.73 16.45 8.32
N THR D 39 -18.00 16.27 7.98
CA THR D 39 -18.55 14.95 7.75
C THR D 39 -18.25 14.47 6.33
N ILE D 40 -17.74 13.25 6.24
CA ILE D 40 -17.43 12.68 4.94
C ILE D 40 -18.30 11.43 4.77
N TRP D 41 -19.26 11.50 3.86
CA TRP D 41 -20.15 10.39 3.62
C TRP D 41 -19.48 9.37 2.71
N ARG D 42 -19.63 8.09 3.05
CA ARG D 42 -19.01 7.03 2.27
C ARG D 42 -19.56 7.06 0.84
N LEU D 43 -20.86 7.36 0.72
CA LEU D 43 -21.53 7.49 -0.59
C LEU D 43 -22.15 8.89 -0.65
N GLU D 44 -21.79 9.65 -1.68
CA GLU D 44 -22.26 11.01 -1.86
C GLU D 44 -23.77 11.11 -1.63
N GLU D 45 -24.53 10.25 -2.28
CA GLU D 45 -25.99 10.26 -2.16
C GLU D 45 -26.51 10.31 -0.72
N PHE D 46 -25.74 9.78 0.22
CA PHE D 46 -26.18 9.77 1.62
C PHE D 46 -26.45 11.19 2.16
N ALA D 47 -25.64 12.15 1.76
CA ALA D 47 -25.77 13.54 2.23
C ALA D 47 -27.15 14.20 2.11
N LYS D 48 -27.91 13.83 1.08
CA LYS D 48 -29.22 14.41 0.89
C LYS D 48 -30.29 13.80 1.78
N PHE D 49 -29.92 12.77 2.52
CA PHE D 49 -30.86 12.09 3.39
C PHE D 49 -30.64 12.29 4.88
N ALA D 50 -29.47 12.84 5.24
CA ALA D 50 -29.18 13.06 6.65
C ALA D 50 -28.05 14.06 6.82
N SER D 51 -27.81 14.47 8.05
CA SER D 51 -26.72 15.41 8.34
C SER D 51 -26.17 15.18 9.73
N PHE D 52 -24.96 15.66 9.97
CA PHE D 52 -24.32 15.48 11.25
C PHE D 52 -23.54 16.72 11.63
N GLU D 53 -23.51 16.99 12.93
CA GLU D 53 -22.82 18.16 13.44
C GLU D 53 -21.47 17.66 13.96
N ALA D 54 -20.42 17.87 13.17
CA ALA D 54 -19.06 17.42 13.47
C ALA D 54 -18.44 17.81 14.81
N GLN D 55 -18.63 19.05 15.23
CA GLN D 55 -18.07 19.49 16.50
C GLN D 55 -18.38 18.50 17.63
N GLY D 56 -19.56 17.88 17.59
CA GLY D 56 -19.92 16.93 18.62
C GLY D 56 -18.93 15.77 18.65
N ALA D 57 -18.52 15.32 17.46
CA ALA D 57 -17.59 14.23 17.33
C ALA D 57 -16.22 14.67 17.81
N LEU D 58 -15.85 15.91 17.49
CA LEU D 58 -14.55 16.40 17.93
C LEU D 58 -14.49 16.46 19.48
N ALA D 59 -15.62 16.78 20.12
CA ALA D 59 -15.64 16.85 21.57
C ALA D 59 -15.40 15.47 22.12
N ASN D 60 -16.05 14.48 21.51
CA ASN D 60 -15.87 13.10 21.96
C ASN D 60 -14.42 12.67 21.85
N ILE D 61 -13.76 13.05 20.78
CA ILE D 61 -12.36 12.69 20.61
C ILE D 61 -11.54 13.36 21.71
N ALA D 62 -11.87 14.62 22.04
CA ALA D 62 -11.12 15.32 23.09
C ALA D 62 -11.24 14.53 24.38
N VAL D 63 -12.42 14.00 24.65
CA VAL D 63 -12.59 13.21 25.86
C VAL D 63 -11.74 11.92 25.75
N ASP D 64 -11.71 11.31 24.57
CA ASP D 64 -10.92 10.10 24.44
C ASP D 64 -9.42 10.40 24.60
N LYS D 65 -8.95 11.57 24.11
CA LYS D 65 -7.52 11.95 24.28
C LYS D 65 -7.20 11.95 25.77
N ALA D 66 -8.04 12.65 26.53
CA ALA D 66 -7.85 12.80 27.96
C ALA D 66 -7.91 11.43 28.65
N ASN D 67 -8.93 10.64 28.33
CA ASN D 67 -9.06 9.32 28.94
C ASN D 67 -7.85 8.40 28.67
N LEU D 68 -7.25 8.54 27.50
CA LEU D 68 -6.11 7.71 27.15
C LEU D 68 -4.98 7.93 28.15
N ASP D 69 -4.76 9.18 28.50
CA ASP D 69 -3.72 9.50 29.45
C ASP D 69 -4.02 8.86 30.81
N VAL D 70 -5.29 8.85 31.20
CA VAL D 70 -5.67 8.23 32.45
C VAL D 70 -5.44 6.72 32.34
N MET D 71 -5.83 6.15 31.21
CA MET D 71 -5.66 4.72 31.01
C MET D 71 -4.18 4.31 31.01
N LYS D 72 -3.31 5.14 30.45
CA LYS D 72 -1.89 4.79 30.45
C LYS D 72 -1.37 4.67 31.87
N GLU D 73 -1.71 5.66 32.70
CA GLU D 73 -1.29 5.71 34.09
C GLU D 73 -1.93 4.59 34.94
N ARG D 74 -3.18 4.28 34.67
CA ARG D 74 -3.90 3.27 35.42
C ARG D 74 -3.39 1.85 35.23
N SER D 75 -2.79 1.58 34.08
CA SER D 75 -2.32 0.22 33.86
C SER D 75 -0.85 0.01 34.25
N ASN D 76 -0.02 1.04 34.06
CA ASN D 76 1.38 0.91 34.40
C ASN D 76 2.02 -0.31 33.73
N ASN D 77 2.79 -0.05 32.67
CA ASN D 77 3.41 -1.15 31.95
C ASN D 77 2.33 -1.97 31.26
N THR D 78 1.34 -1.27 30.71
CA THR D 78 0.25 -1.94 30.03
C THR D 78 0.63 -2.30 28.61
N PRO D 79 1.67 -1.65 28.10
CA PRO D 79 2.12 -1.91 26.74
C PRO D 79 2.16 -3.40 26.43
N ASP D 80 1.98 -3.74 25.16
CA ASP D 80 2.00 -5.12 24.80
C ASP D 80 2.33 -5.34 23.33
N ALA D 81 1.79 -6.39 22.78
CA ALA D 81 2.05 -6.74 21.42
C ALA D 81 1.08 -6.04 20.49
N ASN D 82 0.88 -6.64 19.33
CA ASN D 82 -0.03 -6.13 18.32
C ASN D 82 -0.37 -7.27 17.38
N VAL D 83 -1.29 -7.00 16.45
CA VAL D 83 -1.74 -8.03 15.55
C VAL D 83 -1.50 -7.63 14.11
N ALA D 84 -0.66 -8.40 13.43
CA ALA D 84 -0.36 -8.18 12.01
C ALA D 84 -1.62 -8.47 11.23
N PRO D 85 -1.83 -7.74 10.13
CA PRO D 85 -3.02 -7.94 9.29
C PRO D 85 -2.94 -9.07 8.26
N GLU D 86 -4.12 -9.53 7.84
CA GLU D 86 -4.24 -10.50 6.78
C GLU D 86 -4.47 -9.59 5.57
N VAL D 87 -3.90 -9.91 4.43
CA VAL D 87 -4.08 -9.06 3.28
C VAL D 87 -4.53 -9.90 2.10
N THR D 88 -5.51 -9.38 1.38
CA THR D 88 -6.08 -10.06 0.24
C THR D 88 -6.30 -9.08 -0.89
N VAL D 89 -6.17 -9.56 -2.12
CA VAL D 89 -6.36 -8.69 -3.28
C VAL D 89 -7.25 -9.39 -4.29
N LEU D 90 -8.32 -8.73 -4.72
CA LEU D 90 -9.27 -9.28 -5.71
C LEU D 90 -9.87 -8.14 -6.49
N SER D 91 -10.43 -8.45 -7.64
CA SER D 91 -11.05 -7.41 -8.45
C SER D 91 -12.48 -7.13 -7.95
N ARG D 92 -12.96 -5.90 -8.16
CA ARG D 92 -14.28 -5.52 -7.74
C ARG D 92 -15.37 -6.32 -8.44
N SER D 93 -15.23 -6.44 -9.76
CA SER D 93 -16.18 -7.18 -10.55
C SER D 93 -15.46 -7.99 -11.61
N PRO D 94 -16.18 -8.86 -12.34
CA PRO D 94 -15.53 -9.70 -13.36
C PRO D 94 -14.59 -8.89 -14.28
N VAL D 95 -13.38 -9.40 -14.47
CA VAL D 95 -12.38 -8.72 -15.28
C VAL D 95 -12.37 -9.09 -16.75
N ASN D 96 -12.51 -8.08 -17.60
CA ASN D 96 -12.52 -8.27 -19.06
C ASN D 96 -11.49 -7.33 -19.68
N LEU D 97 -10.57 -7.89 -20.43
CA LEU D 97 -9.55 -7.09 -21.10
C LEU D 97 -10.07 -5.78 -21.70
N GLY D 98 -9.32 -4.68 -21.51
CA GLY D 98 -9.73 -3.39 -22.04
C GLY D 98 -10.83 -2.69 -21.28
N GLU D 99 -11.54 -3.42 -20.41
CA GLU D 99 -12.61 -2.80 -19.65
C GLU D 99 -12.09 -2.38 -18.26
N PRO D 100 -11.96 -1.06 -18.02
CA PRO D 100 -11.49 -0.54 -16.73
C PRO D 100 -12.21 -1.21 -15.59
N ASN D 101 -11.45 -1.56 -14.56
CA ASN D 101 -12.01 -2.21 -13.42
C ASN D 101 -11.31 -1.65 -12.17
N ILE D 102 -11.50 -2.30 -11.03
CA ILE D 102 -10.91 -1.87 -9.80
C ILE D 102 -10.36 -3.01 -8.96
N LEU D 103 -9.12 -2.88 -8.49
CA LEU D 103 -8.55 -3.90 -7.63
C LEU D 103 -8.85 -3.46 -6.18
N ILE D 104 -9.20 -4.44 -5.35
CA ILE D 104 -9.48 -4.16 -3.95
C ILE D 104 -8.41 -4.80 -3.09
N CYS D 105 -7.84 -4.02 -2.18
CA CYS D 105 -6.84 -4.57 -1.29
C CYS D 105 -7.54 -4.58 0.07
N PHE D 106 -7.86 -5.78 0.54
CA PHE D 106 -8.56 -5.96 1.82
C PHE D 106 -7.56 -6.28 2.96
N ILE D 107 -7.46 -5.36 3.92
CA ILE D 107 -6.54 -5.49 5.07
C ILE D 107 -7.40 -5.77 6.31
N ASP D 108 -7.23 -6.95 6.90
CA ASP D 108 -8.10 -7.40 7.98
C ASP D 108 -7.40 -7.88 9.26
N LYS D 109 -8.18 -7.94 10.35
CA LYS D 109 -7.73 -8.40 11.66
C LYS D 109 -6.43 -7.82 12.21
N PHE D 110 -6.35 -6.50 12.37
CA PHE D 110 -5.13 -5.92 12.88
C PHE D 110 -5.37 -4.81 13.89
N SER D 111 -4.29 -4.45 14.58
CA SER D 111 -4.28 -3.38 15.59
C SER D 111 -2.82 -3.25 16.04
N PRO D 112 -2.36 -2.02 16.34
CA PRO D 112 -3.10 -0.75 16.30
C PRO D 112 -3.62 -0.39 14.91
N PRO D 113 -4.54 0.59 14.85
CA PRO D 113 -5.11 1.03 13.57
C PRO D 113 -4.20 2.03 12.85
N VAL D 114 -3.10 1.53 12.29
CA VAL D 114 -2.12 2.35 11.56
C VAL D 114 -1.49 1.47 10.51
N VAL D 115 -1.42 1.95 9.28
CA VAL D 115 -0.81 1.16 8.21
C VAL D 115 -0.28 1.98 7.08
N ASN D 116 0.68 1.42 6.36
CA ASN D 116 1.25 2.07 5.19
C ASN D 116 0.93 1.14 4.03
N VAL D 117 0.12 1.63 3.09
CA VAL D 117 -0.29 0.85 1.95
C VAL D 117 0.21 1.45 0.65
N THR D 118 0.76 0.62 -0.22
CA THR D 118 1.27 1.09 -1.49
C THR D 118 0.79 0.19 -2.61
N TRP D 119 0.25 0.78 -3.65
CA TRP D 119 -0.19 0.01 -4.80
C TRP D 119 0.95 -0.04 -5.79
N LEU D 120 1.25 -1.22 -6.31
CA LEU D 120 2.32 -1.38 -7.26
C LEU D 120 1.83 -1.99 -8.57
N ARG D 121 2.23 -1.38 -9.69
CA ARG D 121 1.91 -1.87 -11.03
C ARG D 121 3.28 -2.18 -11.68
N ASN D 122 3.55 -3.46 -11.94
CA ASN D 122 4.81 -3.90 -12.51
C ASN D 122 5.90 -3.37 -11.59
N GLY D 123 5.66 -3.47 -10.30
CA GLY D 123 6.63 -3.04 -9.32
C GLY D 123 6.72 -1.55 -9.07
N ARG D 124 5.88 -0.74 -9.71
CA ARG D 124 5.98 0.70 -9.53
C ARG D 124 4.85 1.30 -8.70
N PRO D 125 5.16 2.29 -7.85
CA PRO D 125 4.12 2.90 -7.01
C PRO D 125 3.06 3.69 -7.82
N VAL D 126 1.79 3.49 -7.47
CA VAL D 126 0.74 4.17 -8.18
C VAL D 126 0.00 5.04 -7.18
N THR D 127 -0.13 6.32 -7.47
CA THR D 127 -0.81 7.21 -6.53
C THR D 127 -1.97 7.96 -7.17
N GLU D 128 -2.21 7.72 -8.45
CA GLU D 128 -3.35 8.35 -9.14
C GLU D 128 -4.37 7.28 -9.43
N GLY D 129 -5.62 7.56 -9.15
CA GLY D 129 -6.67 6.58 -9.36
C GLY D 129 -6.77 5.57 -8.22
N VAL D 130 -6.45 6.01 -7.01
CA VAL D 130 -6.50 5.15 -5.86
C VAL D 130 -7.35 5.82 -4.78
N SER D 131 -7.86 5.05 -3.84
CA SER D 131 -8.63 5.59 -2.73
C SER D 131 -8.63 4.61 -1.59
N GLU D 132 -9.18 5.02 -0.46
CA GLU D 132 -9.18 4.16 0.73
C GLU D 132 -10.28 4.54 1.72
N THR D 133 -10.53 3.63 2.65
CA THR D 133 -11.51 3.86 3.68
C THR D 133 -10.72 4.14 4.96
N VAL D 134 -11.41 4.55 6.02
CA VAL D 134 -10.79 4.79 7.31
C VAL D 134 -10.78 3.42 7.98
N PHE D 135 -10.36 3.36 9.24
CA PHE D 135 -10.31 2.11 9.96
C PHE D 135 -11.67 1.66 10.41
N LEU D 136 -12.12 0.56 9.85
CA LEU D 136 -13.44 0.02 10.14
C LEU D 136 -13.46 -0.99 11.28
N PRO D 137 -14.55 -1.00 12.05
CA PRO D 137 -14.70 -1.92 13.20
C PRO D 137 -15.07 -3.36 12.80
N ARG D 138 -14.66 -4.32 13.62
CA ARG D 138 -14.96 -5.73 13.43
C ARG D 138 -15.85 -6.16 14.64
N ASP D 139 -16.21 -7.43 14.71
CA ASP D 139 -17.02 -7.89 15.83
C ASP D 139 -16.19 -7.91 17.10
N ASP D 140 -14.88 -8.02 16.93
CA ASP D 140 -13.98 -8.07 18.09
C ASP D 140 -13.27 -6.74 18.32
N HIS D 141 -12.05 -6.82 18.81
CA HIS D 141 -11.24 -5.64 19.12
C HIS D 141 -10.29 -5.20 17.99
N LEU D 142 -10.35 -5.86 16.82
CA LEU D 142 -9.46 -5.51 15.72
C LEU D 142 -10.11 -4.68 14.64
N PHE D 143 -9.30 -4.19 13.72
CA PHE D 143 -9.79 -3.36 12.62
C PHE D 143 -9.66 -3.98 11.24
N ARG D 144 -10.36 -3.41 10.26
CA ARG D 144 -10.25 -3.86 8.88
C ARG D 144 -10.21 -2.59 8.04
N LYS D 145 -9.79 -2.68 6.79
CA LYS D 145 -9.67 -1.49 5.96
C LYS D 145 -9.62 -1.90 4.47
N PHE D 146 -10.09 -1.01 3.59
CA PHE D 146 -10.08 -1.27 2.15
C PHE D 146 -9.33 -0.18 1.37
N HIS D 147 -8.51 -0.60 0.40
CA HIS D 147 -7.78 0.31 -0.47
C HIS D 147 -8.22 -0.07 -1.88
N TYR D 148 -8.27 0.91 -2.79
CA TYR D 148 -8.74 0.66 -4.14
C TYR D 148 -7.83 1.24 -5.21
N LEU D 149 -7.65 0.48 -6.29
CA LEU D 149 -6.82 0.89 -7.41
C LEU D 149 -7.59 0.73 -8.72
N THR D 150 -7.65 1.79 -9.51
CA THR D 150 -8.32 1.71 -10.81
C THR D 150 -7.30 1.19 -11.79
N PHE D 151 -7.73 0.34 -12.72
CA PHE D 151 -6.78 -0.22 -13.69
C PHE D 151 -7.37 -0.72 -15.03
N LEU D 152 -6.47 -0.86 -16.02
CA LEU D 152 -6.83 -1.34 -17.33
C LEU D 152 -6.34 -2.75 -17.42
N PRO D 153 -7.28 -3.70 -17.47
CA PRO D 153 -6.93 -5.12 -17.54
C PRO D 153 -6.06 -5.44 -18.76
N SER D 154 -5.03 -6.24 -18.51
CA SER D 154 -4.07 -6.62 -19.55
C SER D 154 -3.39 -7.95 -19.20
N THR D 155 -3.06 -8.74 -20.22
CA THR D 155 -2.44 -10.04 -19.99
C THR D 155 -0.98 -10.00 -19.57
N ASP D 156 -0.33 -8.87 -19.79
CA ASP D 156 1.09 -8.76 -19.45
C ASP D 156 1.47 -7.93 -18.21
N ASP D 157 0.51 -7.27 -17.57
CA ASP D 157 0.88 -6.50 -16.38
C ASP D 157 0.59 -7.29 -15.15
N PHE D 158 1.19 -6.88 -14.05
CA PHE D 158 0.93 -7.54 -12.78
C PHE D 158 0.89 -6.50 -11.66
N TYR D 159 0.13 -6.79 -10.62
CA TYR D 159 -0.04 -5.87 -9.52
C TYR D 159 0.32 -6.43 -8.15
N ASP D 160 0.50 -5.51 -7.20
CA ASP D 160 0.82 -5.89 -5.84
C ASP D 160 0.29 -4.86 -4.88
N CYS D 161 -0.19 -5.32 -3.73
CA CYS D 161 -0.65 -4.42 -2.67
C CYS D 161 0.40 -4.56 -1.58
N GLU D 162 1.08 -3.47 -1.23
CA GLU D 162 2.13 -3.53 -0.23
C GLU D 162 1.65 -2.93 1.05
N VAL D 163 1.65 -3.74 2.11
CA VAL D 163 1.18 -3.30 3.42
C VAL D 163 2.27 -3.45 4.48
N ASP D 164 2.49 -2.37 5.22
CA ASP D 164 3.47 -2.36 6.29
C ASP D 164 2.72 -2.09 7.58
N HIS D 165 3.02 -2.86 8.62
CA HIS D 165 2.38 -2.72 9.90
C HIS D 165 3.38 -3.10 10.99
N TRP D 166 3.29 -2.49 12.15
CA TRP D 166 4.23 -2.79 13.23
C TRP D 166 4.31 -4.26 13.58
N GLY D 167 3.22 -4.99 13.36
CA GLY D 167 3.20 -6.40 13.69
C GLY D 167 3.86 -7.29 12.65
N LEU D 168 4.33 -6.68 11.57
CA LEU D 168 4.98 -7.43 10.49
C LEU D 168 6.52 -7.32 10.53
N GLU D 169 7.19 -8.42 10.26
CA GLU D 169 8.65 -8.41 10.23
C GLU D 169 9.07 -7.41 9.15
N GLU D 170 8.73 -7.75 7.91
CA GLU D 170 9.02 -6.90 6.75
C GLU D 170 7.68 -6.58 6.10
N PRO D 171 7.64 -5.55 5.24
CA PRO D 171 6.39 -5.19 4.58
C PRO D 171 5.80 -6.37 3.78
N LEU D 172 4.49 -6.54 3.87
CA LEU D 172 3.81 -7.63 3.18
C LEU D 172 3.35 -7.21 1.78
N ARG D 173 3.51 -8.12 0.82
CA ARG D 173 3.13 -7.86 -0.58
C ARG D 173 2.21 -8.93 -1.16
N LYS D 174 0.98 -8.57 -1.51
CA LYS D 174 0.07 -9.55 -2.11
C LYS D 174 -0.08 -9.25 -3.58
N HIS D 175 0.13 -10.29 -4.36
CA HIS D 175 0.13 -10.25 -5.81
C HIS D 175 -1.21 -10.50 -6.52
N TRP D 176 -1.37 -9.92 -7.70
CA TRP D 176 -2.58 -10.11 -8.50
C TRP D 176 -2.24 -9.98 -9.99
N GLU D 177 -2.76 -10.89 -10.80
CA GLU D 177 -2.54 -10.91 -12.24
C GLU D 177 -3.85 -11.29 -12.90
N PHE D 178 -4.07 -10.78 -14.10
CA PHE D 178 -5.30 -11.12 -14.81
C PHE D 178 -5.20 -12.50 -15.46
N GLU D 179 -6.31 -13.23 -15.45
CA GLU D 179 -6.39 -14.56 -16.07
C GLU D 179 -7.75 -14.72 -16.73
N GLU D 180 -7.74 -15.15 -17.99
CA GLU D 180 -8.98 -15.35 -18.75
C GLU D 180 -9.66 -16.69 -18.43
N ALA E 1 -32.71 15.88 5.31
CA ALA E 1 -31.42 15.74 6.05
C ALA E 1 -31.61 15.99 7.59
N ASP E 2 -32.07 14.95 8.30
CA ASP E 2 -32.28 15.03 9.74
C ASP E 2 -30.92 14.75 10.42
N LEU E 3 -30.78 15.27 11.64
CA LEU E 3 -29.55 15.18 12.39
C LEU E 3 -29.30 13.87 13.13
N ILE E 4 -28.16 13.26 12.86
CA ILE E 4 -27.80 12.02 13.52
C ILE E 4 -27.33 12.29 14.93
N ALA E 5 -27.85 11.56 15.90
CA ALA E 5 -27.43 11.76 17.28
C ALA E 5 -26.22 10.88 17.48
N TYR E 6 -25.42 11.15 18.51
CA TYR E 6 -24.24 10.34 18.79
C TYR E 6 -24.14 10.11 20.30
N PRO E 7 -23.67 8.94 20.74
CA PRO E 7 -23.60 8.80 22.19
C PRO E 7 -22.49 9.66 22.76
N LYS E 8 -22.74 10.34 23.88
CA LYS E 8 -21.71 11.19 24.52
C LYS E 8 -20.61 10.37 25.19
N ALA E 9 -19.38 10.86 25.08
CA ALA E 9 -18.24 10.18 25.65
C ALA E 9 -18.08 10.57 27.10
N ALA E 10 -17.76 9.61 27.98
CA ALA E 10 -17.61 9.90 29.38
C ALA E 10 -16.18 9.98 29.77
N THR E 11 -15.90 10.86 30.73
CA THR E 11 -14.57 11.12 31.27
C THR E 11 -14.14 10.22 32.45
N LYS E 12 -12.88 9.79 32.45
CA LYS E 12 -12.37 8.89 33.48
C LYS E 12 -11.34 9.53 34.41
N PHE E 13 -11.07 8.88 35.56
CA PHE E 13 -10.00 9.34 36.52
C PHE E 13 -9.10 8.13 36.88
N ALA F 1 7.70 -1.52 19.28
CA ALA F 1 7.20 -0.09 19.40
C ALA F 1 5.99 -0.03 20.33
N PRO F 2 6.02 0.86 21.34
CA PRO F 2 4.90 0.98 22.29
C PRO F 2 3.77 1.85 21.72
N TRP F 3 2.54 1.37 21.84
CA TRP F 3 1.39 2.11 21.35
C TRP F 3 0.28 2.09 22.39
N PHE F 4 -0.53 3.14 22.39
CA PHE F 4 -1.63 3.28 23.34
C PHE F 4 -2.89 3.72 22.60
N LEU F 5 -3.94 2.93 22.78
CA LEU F 5 -5.21 3.12 22.10
C LEU F 5 -6.45 3.15 22.99
N GLU F 6 -7.18 4.26 23.00
CA GLU F 6 -8.43 4.33 23.75
C GLU F 6 -9.46 4.21 22.64
N TYR F 7 -10.20 3.11 22.65
CA TYR F 7 -11.17 2.79 21.62
C TYR F 7 -12.53 2.33 22.19
N SER F 8 -13.62 2.88 21.65
CA SER F 8 -14.95 2.49 22.10
C SER F 8 -15.91 2.29 20.93
N LYS F 9 -16.85 1.37 21.13
CA LYS F 9 -17.85 1.08 20.13
C LYS F 9 -19.21 1.15 20.77
N SER F 10 -20.14 1.87 20.13
CA SER F 10 -21.48 1.96 20.65
C SER F 10 -22.34 1.27 19.63
N GLU F 11 -22.74 0.03 19.96
CA GLU F 11 -23.54 -0.78 19.06
C GLU F 11 -25.04 -0.71 19.38
N CYS F 12 -25.85 -0.42 18.37
CA CYS F 12 -27.28 -0.37 18.51
C CYS F 12 -27.80 -1.60 17.75
N HIS F 13 -28.43 -2.53 18.47
CA HIS F 13 -28.97 -3.76 17.89
C HIS F 13 -30.50 -3.70 17.70
N PHE F 14 -30.97 -4.04 16.52
CA PHE F 14 -32.40 -4.01 16.22
C PHE F 14 -32.97 -5.38 15.85
N TYR F 15 -34.11 -5.71 16.43
CA TYR F 15 -34.76 -6.99 16.15
C TYR F 15 -36.20 -6.70 15.70
N ASN F 16 -36.52 -7.00 14.43
CA ASN F 16 -37.84 -6.72 13.86
C ASN F 16 -38.13 -5.21 13.99
N GLY F 17 -37.44 -4.41 13.19
CA GLY F 17 -37.60 -2.97 13.25
C GLY F 17 -37.10 -2.47 14.58
N THR F 18 -37.63 -1.32 15.02
CA THR F 18 -37.23 -0.76 16.32
C THR F 18 -38.13 -1.34 17.41
N GLN F 19 -38.70 -2.52 17.15
CA GLN F 19 -39.58 -3.17 18.10
C GLN F 19 -38.81 -3.47 19.37
N ARG F 20 -37.63 -4.04 19.22
CA ARG F 20 -36.79 -4.33 20.37
C ARG F 20 -35.38 -3.82 20.11
N VAL F 21 -35.00 -2.77 20.84
CA VAL F 21 -33.67 -2.19 20.70
C VAL F 21 -32.81 -2.55 21.87
N ARG F 22 -31.51 -2.64 21.63
CA ARG F 22 -30.56 -2.97 22.68
C ARG F 22 -29.25 -2.24 22.44
N LEU F 23 -28.85 -1.42 23.39
CA LEU F 23 -27.60 -0.68 23.24
C LEU F 23 -26.47 -1.37 23.98
N LEU F 24 -25.33 -1.50 23.31
CA LEU F 24 -24.17 -2.15 23.92
C LEU F 24 -22.90 -1.37 23.61
N VAL F 25 -22.39 -0.69 24.63
CA VAL F 25 -21.18 0.11 24.52
C VAL F 25 -20.00 -0.70 25.03
N ARG F 26 -18.95 -0.80 24.23
CA ARG F 26 -17.79 -1.58 24.61
C ARG F 26 -16.53 -0.70 24.58
N TYR F 27 -15.75 -0.78 25.65
CA TYR F 27 -14.53 -0.01 25.78
C TYR F 27 -13.33 -0.89 25.69
N PHE F 28 -12.33 -0.48 24.91
CA PHE F 28 -11.10 -1.26 24.80
C PHE F 28 -9.90 -0.38 25.03
N TYR F 29 -8.86 -0.97 25.62
CA TYR F 29 -7.60 -0.28 25.83
C TYR F 29 -6.58 -1.22 25.13
N ASN F 30 -6.08 -0.76 23.98
CA ASN F 30 -5.20 -1.59 23.17
C ASN F 30 -5.92 -2.85 22.71
N LEU F 31 -5.54 -4.02 23.23
CA LEU F 31 -6.20 -5.25 22.77
C LEU F 31 -7.22 -5.82 23.74
N GLU F 32 -7.43 -5.16 24.86
CA GLU F 32 -8.39 -5.65 25.86
C GLU F 32 -9.69 -4.90 25.95
N GLU F 33 -10.78 -5.64 25.93
CA GLU F 33 -12.10 -5.05 26.12
C GLU F 33 -12.15 -5.05 27.65
N ASN F 34 -12.21 -3.85 28.25
CA ASN F 34 -12.19 -3.75 29.71
C ASN F 34 -13.48 -3.37 30.42
N LEU F 35 -14.46 -2.86 29.68
CA LEU F 35 -15.71 -2.42 30.31
C LEU F 35 -16.83 -2.34 29.28
N ARG F 36 -18.06 -2.43 29.74
CA ARG F 36 -19.18 -2.34 28.82
C ARG F 36 -20.46 -1.89 29.48
N PHE F 37 -21.38 -1.39 28.66
CA PHE F 37 -22.67 -0.95 29.14
C PHE F 37 -23.74 -1.63 28.30
N ASP F 38 -24.50 -2.51 28.93
CA ASP F 38 -25.55 -3.27 28.25
C ASP F 38 -26.87 -2.63 28.69
N SER F 39 -27.59 -2.07 27.75
CA SER F 39 -28.83 -1.42 28.11
C SER F 39 -29.79 -2.38 28.81
N ASP F 40 -29.73 -3.66 28.45
CA ASP F 40 -30.59 -4.65 29.07
C ASP F 40 -30.19 -4.90 30.52
N VAL F 41 -29.08 -4.32 30.94
CA VAL F 41 -28.62 -4.47 32.31
C VAL F 41 -28.86 -3.19 33.08
N GLY F 42 -28.74 -2.06 32.39
CA GLY F 42 -28.99 -0.77 33.02
C GLY F 42 -27.79 -0.05 33.62
N GLU F 43 -26.63 -0.70 33.63
CA GLU F 43 -25.46 -0.07 34.18
C GLU F 43 -24.14 -0.67 33.69
N PHE F 44 -23.05 0.06 33.89
CA PHE F 44 -21.73 -0.39 33.47
C PHE F 44 -21.28 -1.61 34.23
N ARG F 45 -20.50 -2.46 33.56
CA ARG F 45 -19.96 -3.67 34.16
C ARG F 45 -18.55 -3.87 33.69
N ALA F 46 -17.62 -3.90 34.63
CA ALA F 46 -16.22 -4.12 34.30
C ALA F 46 -16.05 -5.47 33.58
N VAL F 47 -15.18 -5.52 32.60
CA VAL F 47 -14.92 -6.75 31.88
C VAL F 47 -13.63 -7.32 32.46
N THR F 48 -12.69 -6.42 32.81
CA THR F 48 -11.42 -6.81 33.43
C THR F 48 -11.10 -5.78 34.49
N GLU F 49 -10.13 -6.10 35.34
CA GLU F 49 -9.72 -5.20 36.40
C GLU F 49 -9.51 -3.76 35.96
N LEU F 50 -8.82 -3.59 34.83
CA LEU F 50 -8.52 -2.28 34.28
C LEU F 50 -9.75 -1.40 34.05
N GLY F 51 -10.94 -2.01 34.05
CA GLY F 51 -12.14 -1.24 33.83
C GLY F 51 -13.03 -1.04 35.05
N ARG F 52 -12.59 -1.56 36.19
CA ARG F 52 -13.37 -1.43 37.42
C ARG F 52 -13.57 0.03 37.86
N PRO F 53 -12.49 0.81 37.97
CA PRO F 53 -12.60 2.21 38.39
C PRO F 53 -13.71 2.98 37.70
N ASP F 54 -13.84 2.79 36.40
CA ASP F 54 -14.86 3.51 35.64
C ASP F 54 -16.27 3.06 35.96
N ALA F 55 -16.46 1.76 36.14
CA ALA F 55 -17.78 1.25 36.47
C ALA F 55 -18.18 1.82 37.83
N GLU F 56 -17.28 1.72 38.80
CA GLU F 56 -17.51 2.25 40.14
C GLU F 56 -17.85 3.73 40.07
N ASN F 57 -16.98 4.49 39.40
CA ASN F 57 -17.18 5.94 39.25
C ASN F 57 -18.49 6.31 38.51
N TRP F 58 -18.65 5.84 37.27
CA TRP F 58 -19.87 6.20 36.52
C TRP F 58 -21.16 5.65 37.09
N ASN F 59 -21.15 4.44 37.63
CA ASN F 59 -22.37 3.86 38.18
C ASN F 59 -22.95 4.64 39.34
N SER F 60 -22.09 5.41 40.02
CA SER F 60 -22.50 6.19 41.17
C SER F 60 -22.97 7.60 40.81
N GLN F 61 -23.30 7.83 39.54
CA GLN F 61 -23.81 9.14 39.11
C GLN F 61 -25.16 8.92 38.42
N PRO F 62 -26.24 8.84 39.21
CA PRO F 62 -27.60 8.61 38.72
C PRO F 62 -27.98 9.46 37.52
N GLU F 63 -27.55 10.71 37.54
CA GLU F 63 -27.83 11.63 36.44
C GLU F 63 -27.28 11.08 35.12
N PHE F 64 -26.02 10.66 35.15
CA PHE F 64 -25.36 10.13 33.97
C PHE F 64 -25.94 8.77 33.53
N LEU F 65 -26.21 7.89 34.50
CA LEU F 65 -26.78 6.60 34.19
C LEU F 65 -28.12 6.72 33.48
N GLU F 66 -28.93 7.68 33.92
CA GLU F 66 -30.22 7.89 33.33
C GLU F 66 -30.06 8.28 31.87
N GLN F 67 -29.03 9.08 31.59
CA GLN F 67 -28.77 9.56 30.23
C GLN F 67 -28.37 8.45 29.26
N LYS F 68 -27.56 7.49 29.71
CA LYS F 68 -27.16 6.39 28.85
C LYS F 68 -28.36 5.51 28.49
N ARG F 69 -29.10 5.11 29.52
CA ARG F 69 -30.27 4.28 29.34
C ARG F 69 -31.21 4.90 28.32
N ALA F 70 -31.26 6.22 28.30
CA ALA F 70 -32.12 6.96 27.37
C ALA F 70 -31.57 6.95 25.94
N GLU F 71 -30.28 6.66 25.81
CA GLU F 71 -29.67 6.66 24.48
C GLU F 71 -30.31 5.61 23.59
N VAL F 72 -30.93 4.60 24.20
CA VAL F 72 -31.60 3.55 23.46
C VAL F 72 -32.65 4.21 22.58
N ASP F 73 -33.21 5.33 23.06
CA ASP F 73 -34.22 6.07 22.29
C ASP F 73 -33.62 7.30 21.65
N THR F 74 -32.86 8.05 22.45
CA THR F 74 -32.27 9.31 21.95
C THR F 74 -31.23 9.08 20.84
N VAL F 75 -30.58 7.93 20.83
CA VAL F 75 -29.59 7.66 19.79
C VAL F 75 -30.03 6.52 18.86
N CYS F 76 -30.08 5.30 19.40
CA CYS F 76 -30.47 4.13 18.61
C CYS F 76 -31.76 4.30 17.79
N ARG F 77 -32.92 4.34 18.45
CA ARG F 77 -34.20 4.52 17.72
C ARG F 77 -34.22 5.77 16.88
N HIS F 78 -33.67 6.85 17.42
CA HIS F 78 -33.63 8.12 16.71
C HIS F 78 -32.94 7.99 15.36
N ASN F 79 -31.77 7.36 15.35
CA ASN F 79 -30.99 7.21 14.13
C ASN F 79 -31.58 6.18 13.20
N TYR F 80 -32.20 5.16 13.76
CA TYR F 80 -32.80 4.15 12.91
C TYR F 80 -33.88 4.80 12.05
N GLU F 81 -34.66 5.68 12.65
CA GLU F 81 -35.72 6.38 11.93
C GLU F 81 -35.17 7.10 10.70
N ILE F 82 -34.00 7.70 10.86
CA ILE F 82 -33.37 8.43 9.77
C ILE F 82 -32.86 7.49 8.70
N PHE F 83 -32.13 6.46 9.10
CA PHE F 83 -31.56 5.50 8.17
C PHE F 83 -32.60 4.62 7.47
N ASP F 84 -33.76 4.43 8.10
CA ASP F 84 -34.84 3.61 7.51
C ASP F 84 -35.36 4.23 6.21
N ASN F 85 -34.99 5.48 5.96
CA ASN F 85 -35.43 6.19 4.76
C ASN F 85 -34.53 6.02 3.57
N PHE F 86 -33.32 5.46 3.75
CA PHE F 86 -32.43 5.28 2.61
C PHE F 86 -31.43 4.11 2.70
N LEU F 87 -31.07 3.70 3.92
CA LEU F 87 -30.12 2.60 4.06
C LEU F 87 -30.84 1.26 4.15
N VAL F 88 -31.86 1.20 5.01
CA VAL F 88 -32.63 -0.04 5.16
C VAL F 88 -33.22 -0.53 3.80
N PRO F 89 -33.79 0.38 3.01
CA PRO F 89 -34.39 0.01 1.72
C PRO F 89 -33.46 -0.04 0.49
N ARG F 90 -32.17 0.26 0.68
CA ARG F 90 -31.22 0.23 -0.43
C ARG F 90 -31.22 -1.12 -1.17
N ARG F 91 -31.34 -1.08 -2.48
CA ARG F 91 -31.35 -2.30 -3.28
C ARG F 91 -30.52 -2.06 -4.53
N VAL F 92 -29.63 -3.00 -4.84
CA VAL F 92 -28.83 -2.89 -6.06
C VAL F 92 -28.83 -4.26 -6.70
N GLU F 93 -29.38 -4.35 -7.90
CA GLU F 93 -29.48 -5.63 -8.59
C GLU F 93 -28.13 -6.15 -9.04
N PRO F 94 -27.88 -7.46 -8.85
CA PRO F 94 -26.66 -8.16 -9.22
C PRO F 94 -26.49 -8.37 -10.70
N THR F 95 -25.26 -8.58 -11.12
CA THR F 95 -24.92 -8.90 -12.51
C THR F 95 -24.55 -10.39 -12.45
N VAL F 96 -25.25 -11.21 -13.22
CA VAL F 96 -25.03 -12.65 -13.20
C VAL F 96 -24.48 -13.16 -14.50
N THR F 97 -23.37 -13.88 -14.43
CA THR F 97 -22.78 -14.50 -15.61
C THR F 97 -22.24 -15.86 -15.27
N VAL F 98 -22.29 -16.78 -16.25
CA VAL F 98 -21.81 -18.11 -16.04
C VAL F 98 -20.65 -18.40 -17.00
N TYR F 99 -19.73 -19.26 -16.59
CA TYR F 99 -18.59 -19.59 -17.40
C TYR F 99 -17.84 -20.81 -16.86
N PRO F 100 -17.31 -21.66 -17.76
CA PRO F 100 -16.56 -22.86 -17.38
C PRO F 100 -15.08 -22.62 -17.13
N THR F 101 -14.41 -23.55 -16.46
CA THR F 101 -12.98 -23.48 -16.21
C THR F 101 -12.40 -24.85 -15.92
N LYS F 102 -11.10 -24.87 -15.61
CA LYS F 102 -10.42 -26.13 -15.34
C LYS F 102 -10.15 -26.36 -13.86
N THR F 103 -9.30 -25.53 -13.28
CA THR F 103 -8.99 -25.71 -11.88
C THR F 103 -8.12 -26.94 -11.69
N GLN F 104 -8.63 -28.09 -12.10
CA GLN F 104 -7.86 -29.34 -11.96
C GLN F 104 -6.79 -29.52 -13.03
N PRO F 105 -6.74 -30.72 -13.62
CA PRO F 105 -5.76 -31.01 -14.64
C PRO F 105 -6.08 -30.36 -15.98
N LEU F 106 -7.06 -30.91 -16.68
CA LEU F 106 -7.43 -30.36 -17.98
C LEU F 106 -8.23 -31.30 -18.85
N GLU F 107 -8.54 -30.85 -20.07
CA GLU F 107 -9.29 -31.66 -21.02
C GLU F 107 -10.78 -31.77 -20.74
N HIS F 108 -11.58 -31.01 -21.48
CA HIS F 108 -13.03 -31.05 -21.29
C HIS F 108 -13.66 -29.91 -20.47
N HIS F 109 -13.48 -29.98 -19.14
CA HIS F 109 -14.04 -28.96 -18.26
C HIS F 109 -14.62 -29.65 -17.04
N ASN F 110 -14.35 -29.10 -15.86
CA ASN F 110 -14.86 -29.72 -14.63
C ASN F 110 -15.50 -28.75 -13.63
N LEU F 111 -15.38 -27.45 -13.89
CA LEU F 111 -15.97 -26.43 -13.02
C LEU F 111 -16.83 -25.41 -13.73
N LEU F 112 -18.07 -25.30 -13.29
CA LEU F 112 -19.00 -24.36 -13.87
C LEU F 112 -19.14 -23.25 -12.83
N VAL F 113 -18.78 -22.03 -13.20
CA VAL F 113 -18.83 -20.89 -12.27
C VAL F 113 -20.00 -19.93 -12.45
N CYS F 114 -20.73 -19.65 -11.37
CA CYS F 114 -21.80 -18.68 -11.42
C CYS F 114 -21.28 -17.47 -10.69
N SER F 115 -20.98 -16.41 -11.44
CA SER F 115 -20.46 -15.16 -10.86
C SER F 115 -21.60 -14.15 -10.59
N VAL F 116 -21.79 -13.82 -9.31
CA VAL F 116 -22.83 -12.87 -8.94
C VAL F 116 -22.14 -11.67 -8.27
N SER F 117 -22.16 -10.52 -8.94
CA SER F 117 -21.50 -9.36 -8.39
C SER F 117 -22.31 -8.06 -8.36
N ASP F 118 -21.73 -7.07 -7.68
CA ASP F 118 -22.29 -5.76 -7.61
C ASP F 118 -23.74 -5.74 -7.12
N PHE F 119 -24.00 -6.36 -5.96
CA PHE F 119 -25.34 -6.39 -5.42
C PHE F 119 -25.41 -5.93 -3.98
N TYR F 120 -26.65 -5.63 -3.55
CA TYR F 120 -26.92 -5.18 -2.18
C TYR F 120 -28.42 -5.29 -1.93
N PRO F 121 -28.82 -5.74 -0.74
CA PRO F 121 -28.00 -6.16 0.39
C PRO F 121 -27.33 -7.54 0.23
N GLY F 122 -26.69 -8.00 1.30
CA GLY F 122 -25.94 -9.24 1.30
C GLY F 122 -26.67 -10.55 1.25
N ASN F 123 -27.92 -10.61 1.70
CA ASN F 123 -28.64 -11.90 1.68
C ASN F 123 -29.06 -12.23 0.26
N ILE F 124 -28.64 -13.40 -0.21
CA ILE F 124 -28.92 -13.82 -1.56
C ILE F 124 -28.95 -15.34 -1.69
N GLU F 125 -29.59 -15.86 -2.73
CA GLU F 125 -29.64 -17.30 -2.97
C GLU F 125 -29.12 -17.61 -4.36
N VAL F 126 -28.23 -18.59 -4.44
CA VAL F 126 -27.64 -18.98 -5.71
C VAL F 126 -27.75 -20.48 -5.84
N ARG F 127 -28.53 -20.95 -6.79
CA ARG F 127 -28.72 -22.38 -6.98
C ARG F 127 -28.32 -22.88 -8.35
N TRP F 128 -27.89 -24.13 -8.38
CA TRP F 128 -27.50 -24.76 -9.62
C TRP F 128 -28.46 -25.86 -10.00
N PHE F 129 -28.77 -25.94 -11.29
CA PHE F 129 -29.65 -26.98 -11.77
C PHE F 129 -29.08 -27.68 -12.98
N ARG F 130 -29.29 -29.00 -13.02
CA ARG F 130 -28.83 -29.85 -14.10
C ARG F 130 -30.10 -30.44 -14.71
N ASN F 131 -30.44 -29.95 -15.89
CA ASN F 131 -31.65 -30.36 -16.60
C ASN F 131 -32.89 -30.37 -15.72
N GLY F 132 -33.03 -29.37 -14.84
CA GLY F 132 -34.20 -29.30 -13.98
C GLY F 132 -34.04 -29.84 -12.56
N LYS F 133 -32.94 -30.53 -12.28
CA LYS F 133 -32.72 -31.04 -10.94
C LYS F 133 -31.65 -30.24 -10.20
N GLU F 134 -32.01 -29.71 -9.04
CA GLU F 134 -31.11 -28.91 -8.23
C GLU F 134 -29.89 -29.67 -7.71
N GLU F 135 -28.71 -29.19 -8.07
CA GLU F 135 -27.46 -29.79 -7.61
C GLU F 135 -27.17 -29.34 -6.19
N LYS F 136 -27.26 -30.26 -5.26
CA LYS F 136 -27.02 -29.92 -3.86
C LYS F 136 -25.58 -30.14 -3.45
N THR F 137 -24.94 -31.16 -4.02
CA THR F 137 -23.56 -31.46 -3.67
C THR F 137 -22.63 -31.07 -4.81
N GLY F 138 -21.36 -30.88 -4.50
CA GLY F 138 -20.41 -30.47 -5.52
C GLY F 138 -20.30 -28.95 -5.65
N ILE F 139 -20.93 -28.23 -4.72
CA ILE F 139 -20.92 -26.77 -4.75
C ILE F 139 -19.73 -26.24 -3.95
N VAL F 140 -19.04 -25.27 -4.53
CA VAL F 140 -17.91 -24.62 -3.90
C VAL F 140 -18.11 -23.12 -4.01
N SER F 141 -17.94 -22.39 -2.92
CA SER F 141 -18.18 -20.96 -2.96
C SER F 141 -17.08 -20.12 -2.30
N THR F 142 -16.93 -18.89 -2.78
CA THR F 142 -15.96 -17.98 -2.25
C THR F 142 -16.56 -17.25 -1.06
N GLY F 143 -17.86 -17.44 -0.85
CA GLY F 143 -18.53 -16.78 0.25
C GLY F 143 -19.00 -15.37 -0.10
N LEU F 144 -19.64 -14.69 0.84
CA LEU F 144 -20.13 -13.34 0.64
C LEU F 144 -19.04 -12.33 0.80
N VAL F 145 -18.52 -11.84 -0.34
CA VAL F 145 -17.42 -10.89 -0.33
C VAL F 145 -17.90 -9.46 -0.31
N ARG F 146 -17.62 -8.76 0.80
CA ARG F 146 -17.98 -7.35 0.95
C ARG F 146 -16.93 -6.47 0.31
N ASN F 147 -17.35 -5.52 -0.53
CA ASN F 147 -16.39 -4.64 -1.21
C ASN F 147 -15.99 -3.38 -0.49
N GLY F 148 -16.74 -3.03 0.56
CA GLY F 148 -16.44 -1.82 1.32
C GLY F 148 -17.11 -0.57 0.80
N ASP F 149 -17.73 -0.66 -0.38
CA ASP F 149 -18.42 0.50 -0.96
C ASP F 149 -19.94 0.25 -1.09
N TRP F 150 -20.45 -0.60 -0.22
CA TRP F 150 -21.87 -0.94 -0.18
C TRP F 150 -22.33 -1.85 -1.31
N THR F 151 -21.45 -2.74 -1.77
CA THR F 151 -21.81 -3.72 -2.77
C THR F 151 -21.10 -5.03 -2.40
N PHE F 152 -21.65 -6.15 -2.86
CA PHE F 152 -21.11 -7.46 -2.59
C PHE F 152 -20.89 -8.21 -3.87
N GLN F 153 -20.10 -9.28 -3.80
CA GLN F 153 -19.86 -10.14 -4.95
C GLN F 153 -19.61 -11.55 -4.38
N THR F 154 -19.77 -12.55 -5.23
CA THR F 154 -19.54 -13.92 -4.81
C THR F 154 -19.49 -14.83 -6.01
N LEU F 155 -18.84 -15.98 -5.84
CA LEU F 155 -18.77 -16.99 -6.90
C LEU F 155 -19.30 -18.28 -6.29
N VAL F 156 -20.16 -18.95 -7.03
CA VAL F 156 -20.72 -20.21 -6.58
C VAL F 156 -20.45 -21.17 -7.72
N MET F 157 -19.61 -22.15 -7.44
CA MET F 157 -19.18 -23.08 -8.47
C MET F 157 -19.71 -24.51 -8.33
N LEU F 158 -19.98 -25.13 -9.47
CA LEU F 158 -20.47 -26.49 -9.51
C LEU F 158 -19.43 -27.37 -10.18
N GLU F 159 -19.06 -28.45 -9.50
CA GLU F 159 -18.10 -29.39 -10.03
C GLU F 159 -18.86 -30.42 -10.89
N THR F 160 -18.54 -30.50 -12.18
CA THR F 160 -19.25 -31.43 -13.05
C THR F 160 -18.50 -31.95 -14.25
N VAL F 161 -19.03 -33.05 -14.76
CA VAL F 161 -18.54 -33.75 -15.95
C VAL F 161 -19.68 -33.52 -16.93
N PRO F 162 -19.64 -32.42 -17.71
CA PRO F 162 -20.69 -32.11 -18.68
C PRO F 162 -20.88 -33.17 -19.77
N GLN F 163 -22.13 -33.57 -19.97
CA GLN F 163 -22.49 -34.56 -20.98
C GLN F 163 -23.39 -33.86 -21.99
N SER F 164 -22.86 -33.62 -23.20
CA SER F 164 -23.63 -32.93 -24.24
C SER F 164 -25.10 -33.33 -24.20
N GLY F 165 -25.97 -32.32 -24.18
CA GLY F 165 -27.40 -32.56 -24.12
C GLY F 165 -27.91 -32.04 -22.79
N GLU F 166 -27.00 -31.90 -21.83
CA GLU F 166 -27.33 -31.39 -20.51
C GLU F 166 -27.33 -29.86 -20.50
N VAL F 167 -28.33 -29.29 -19.85
CA VAL F 167 -28.43 -27.85 -19.74
C VAL F 167 -28.28 -27.48 -18.26
N TYR F 168 -27.32 -26.60 -17.97
CA TYR F 168 -27.10 -26.16 -16.59
C TYR F 168 -27.65 -24.78 -16.40
N THR F 169 -28.30 -24.56 -15.27
CA THR F 169 -28.88 -23.25 -14.98
C THR F 169 -28.49 -22.70 -13.62
N CYS F 170 -28.03 -21.46 -13.60
CA CYS F 170 -27.71 -20.82 -12.34
C CYS F 170 -28.91 -19.96 -12.02
N GLN F 171 -29.50 -20.12 -10.85
CA GLN F 171 -30.62 -19.32 -10.46
C GLN F 171 -30.29 -18.44 -9.24
N VAL F 172 -30.55 -17.13 -9.38
CA VAL F 172 -30.28 -16.17 -8.32
C VAL F 172 -31.54 -15.50 -7.81
N GLU F 173 -31.76 -15.57 -6.50
CA GLU F 173 -32.88 -14.94 -5.85
C GLU F 173 -32.31 -13.84 -4.96
N HIS F 174 -32.89 -12.65 -5.00
CA HIS F 174 -32.41 -11.51 -4.23
C HIS F 174 -33.50 -10.45 -4.07
N PRO F 175 -33.56 -9.79 -2.91
CA PRO F 175 -34.58 -8.77 -2.61
C PRO F 175 -34.76 -7.67 -3.66
N SER F 176 -33.70 -7.35 -4.38
CA SER F 176 -33.76 -6.30 -5.42
C SER F 176 -34.44 -6.79 -6.71
N LEU F 177 -34.76 -8.09 -6.78
CA LEU F 177 -35.38 -8.67 -7.97
C LEU F 177 -36.80 -9.14 -7.69
N THR F 178 -37.69 -8.85 -8.63
CA THR F 178 -39.08 -9.26 -8.48
C THR F 178 -39.18 -10.74 -8.86
N ASP F 179 -38.36 -11.18 -9.81
CA ASP F 179 -38.36 -12.57 -10.24
C ASP F 179 -36.96 -13.17 -10.20
N PRO F 180 -36.85 -14.47 -9.95
CA PRO F 180 -35.53 -15.12 -9.91
C PRO F 180 -34.80 -14.84 -11.21
N VAL F 181 -33.48 -14.72 -11.16
CA VAL F 181 -32.72 -14.50 -12.37
C VAL F 181 -32.07 -15.83 -12.73
N THR F 182 -32.15 -16.22 -13.99
CA THR F 182 -31.57 -17.48 -14.44
C THR F 182 -30.63 -17.29 -15.61
N VAL F 183 -29.60 -18.12 -15.65
CA VAL F 183 -28.62 -18.09 -16.71
C VAL F 183 -28.27 -19.52 -17.06
N GLU F 184 -28.43 -19.88 -18.32
CA GLU F 184 -28.18 -21.25 -18.75
C GLU F 184 -26.85 -21.43 -19.39
N TRP F 185 -26.40 -22.68 -19.42
CA TRP F 185 -25.13 -23.02 -20.04
C TRP F 185 -25.20 -24.45 -20.59
#